data_5XSW
#
_entry.id   5XSW
#
_cell.length_a   182.253
_cell.length_b   182.253
_cell.length_c   110.791
_cell.angle_alpha   90.00
_cell.angle_beta   90.00
_cell.angle_gamma   120.00
#
_symmetry.space_group_name_H-M   'P 63'
#
loop_
_entity.id
_entity.type
_entity.pdbx_description
1 polymer Chitinase
2 branched 2-acetamido-2-deoxy-beta-D-glucopyranose-(1-4)-2-acetamido-2-deoxy-alpha-D-glucopyranose
3 non-polymer 'PHOSPHATE ION'
4 non-polymer GLYCEROL
5 water water
#
_entity_poly.entity_id   1
_entity_poly.type   'polypeptide(L)'
_entity_poly.pdbx_seq_one_letter_code
;MAYRIVSETGDKITVELTLANKNTHYVWNGWCFDIKNITFETTGKVLSIKYADGGEPVYNVNGNLVTIDLTWRGIFHLNT
TVKIIIEIQKSGDNPYPHNFKIHYLRGESIIYPTIGELPASWKPGNFTLSDLIADPKSYYDPHVKPHQNGFIMYNPPHPT
QIIIGLADIDYPLNLASSARMWVPNKYFAMGLALAYEWFKVNPNFLMALAAKENWGTAVTKDPAFKGYKVIIDEEEYYWP
VQIDHPDGIFQVESGNFNQIKAYYPDIFPDTADHDDYMKVSLDPNDTAWITSPIVAAVSLTMERELLYAAVGDKYNEFLR
LAKDPWAETEIIDFGYNRGVGAIEALKIFSDNWEKAINAEVLWKEFNMEGFGGHVPTVINITATMDMETERIYDANLTWD
DIEYFFTVVRQKFFRPGAISDEEWNAMMRDVKRAYDLLSQHWGGDHISYRYDFLTILRVAMKHWPEPHIPRPTGDDWYYH
ARNYNP
;
_entity_poly.pdbx_strand_id   A,B
#
# COMPACT_ATOMS: atom_id res chain seq x y z
N ALA A 2 24.91 -2.12 24.65
CA ALA A 2 25.87 -2.25 25.74
C ALA A 2 26.94 -3.17 25.23
N TYR A 3 28.16 -3.05 25.76
CA TYR A 3 29.27 -3.86 25.28
C TYR A 3 30.30 -4.05 26.41
N ARG A 4 31.09 -5.10 26.30
CA ARG A 4 31.92 -5.55 27.40
C ARG A 4 33.16 -6.20 26.83
N ILE A 5 34.34 -5.94 27.41
CA ILE A 5 35.49 -6.75 27.09
C ILE A 5 35.28 -8.16 27.67
N VAL A 6 35.26 -9.20 26.85
CA VAL A 6 35.08 -10.52 27.43
C VAL A 6 36.43 -11.03 27.98
N SER A 7 37.47 -10.78 27.20
CA SER A 7 38.82 -11.16 27.58
C SER A 7 39.84 -10.43 26.75
N GLU A 8 41.02 -10.20 27.35
CA GLU A 8 42.19 -9.79 26.59
C GLU A 8 43.28 -10.82 26.91
N THR A 9 43.66 -11.61 25.91
CA THR A 9 44.53 -12.77 26.09
C THR A 9 45.52 -12.84 24.95
N GLY A 10 46.79 -12.67 25.25
CA GLY A 10 47.74 -12.48 24.17
C GLY A 10 47.47 -11.12 23.53
N ASP A 11 47.58 -11.08 22.21
CA ASP A 11 47.24 -9.89 21.45
C ASP A 11 45.75 -9.95 20.97
N LYS A 12 44.98 -10.90 21.49
CA LYS A 12 43.58 -11.06 21.10
C LYS A 12 42.56 -10.43 22.08
N ILE A 13 41.85 -9.42 21.57
CA ILE A 13 40.80 -8.73 22.33
C ILE A 13 39.43 -9.23 21.91
N THR A 14 38.65 -9.71 22.86
CA THR A 14 37.32 -10.22 22.57
C THR A 14 36.24 -9.36 23.27
N VAL A 15 35.34 -8.80 22.46
CA VAL A 15 34.28 -7.91 22.94
C VAL A 15 32.88 -8.51 22.61
N GLU A 16 31.96 -8.43 23.57
CA GLU A 16 30.57 -8.77 23.32
C GLU A 16 29.72 -7.51 23.25
N LEU A 17 29.04 -7.36 22.13
CA LEU A 17 28.11 -6.26 21.91
C LEU A 17 26.66 -6.76 22.02
N THR A 18 25.84 -6.12 22.83
CA THR A 18 24.46 -6.51 22.95
C THR A 18 23.56 -5.41 22.40
N LEU A 19 22.75 -5.76 21.42
CA LEU A 19 21.78 -4.85 20.81
C LEU A 19 20.41 -5.37 21.16
N ALA A 20 19.55 -4.51 21.66
CA ALA A 20 18.21 -4.95 22.02
C ALA A 20 17.16 -3.86 21.99
N ASN A 21 15.92 -4.26 21.74
CA ASN A 21 14.79 -3.44 22.08
C ASN A 21 14.31 -4.03 23.38
N LYS A 22 14.58 -3.32 24.47
CA LYS A 22 14.25 -3.89 25.77
C LYS A 22 12.79 -3.63 26.12
N ASN A 23 12.11 -2.81 25.33
CA ASN A 23 10.69 -2.56 25.62
C ASN A 23 9.92 -3.86 25.58
N THR A 24 9.06 -4.10 26.57
CA THR A 24 8.21 -5.29 26.53
C THR A 24 6.75 -4.93 26.16
N HIS A 25 6.41 -3.65 26.21
CA HIS A 25 5.12 -3.20 25.71
C HIS A 25 5.37 -1.91 24.93
N TYR A 26 4.37 -1.49 24.16
CA TYR A 26 4.49 -0.31 23.31
C TYR A 26 4.99 0.88 24.11
N VAL A 27 6.01 1.56 23.60
CA VAL A 27 6.32 2.90 24.07
C VAL A 27 6.64 3.76 22.83
N TRP A 28 6.36 5.05 22.92
CA TRP A 28 6.52 6.03 21.85
C TRP A 28 7.89 5.92 21.23
N ASN A 29 7.91 5.69 19.91
CA ASN A 29 9.13 5.66 19.10
C ASN A 29 9.99 4.43 19.39
N GLY A 30 9.50 3.52 20.21
CA GLY A 30 10.29 2.34 20.53
C GLY A 30 9.57 1.03 20.30
N TRP A 31 8.59 1.02 19.39
CA TRP A 31 7.82 -0.20 19.17
C TRP A 31 8.63 -1.15 18.32
N CYS A 32 9.42 -0.57 17.43
CA CYS A 32 10.35 -1.29 16.59
C CYS A 32 11.54 -0.35 16.31
N PHE A 33 12.74 -0.93 16.32
CA PHE A 33 13.94 -0.23 15.83
C PHE A 33 14.43 -0.89 14.60
N ASP A 34 14.62 -0.12 13.53
CA ASP A 34 15.18 -0.65 12.31
C ASP A 34 16.63 -0.15 12.21
N ILE A 35 17.58 -1.07 12.23
CA ILE A 35 19.02 -0.67 12.23
C ILE A 35 19.64 -0.78 10.86
N LYS A 36 20.06 0.37 10.31
CA LYS A 36 20.80 0.39 9.07
C LYS A 36 22.19 -0.32 9.20
N ASN A 37 22.96 0.13 10.20
CA ASN A 37 24.23 -0.52 10.53
C ASN A 37 24.67 -0.05 11.91
N ILE A 38 25.74 -0.66 12.42
CA ILE A 38 26.34 -0.27 13.69
C ILE A 38 27.81 0.06 13.32
N THR A 39 28.33 1.21 13.74
CA THR A 39 29.75 1.46 13.48
C THR A 39 30.53 1.42 14.79
N PHE A 40 31.82 1.12 14.68
CA PHE A 40 32.67 1.40 15.83
C PHE A 40 34.09 1.64 15.30
N GLU A 41 34.99 2.07 16.18
CA GLU A 41 36.35 2.37 15.77
C GLU A 41 37.34 1.47 16.50
N THR A 42 38.37 1.05 15.77
CA THR A 42 39.53 0.39 16.36
C THR A 42 40.75 0.60 15.45
N THR A 43 41.94 0.67 16.04
CA THR A 43 43.17 0.68 15.25
C THR A 43 43.69 -0.74 15.08
N GLY A 44 43.09 -1.68 15.80
CA GLY A 44 43.48 -3.08 15.69
C GLY A 44 42.99 -3.72 14.41
N LYS A 45 43.18 -5.02 14.27
CA LYS A 45 42.78 -5.73 13.05
C LYS A 45 41.58 -6.57 13.40
N VAL A 46 40.49 -6.42 12.65
CA VAL A 46 39.32 -7.24 12.97
C VAL A 46 39.61 -8.69 12.55
N LEU A 47 39.51 -9.63 13.48
CA LEU A 47 39.69 -11.05 13.18
C LEU A 47 38.39 -11.74 12.80
N SER A 48 37.33 -11.46 13.55
CA SER A 48 36.02 -12.02 13.28
C SER A 48 34.91 -11.25 14.01
N ILE A 49 33.73 -11.18 13.37
CA ILE A 49 32.53 -10.65 14.02
C ILE A 49 31.45 -11.69 13.75
N LYS A 50 30.92 -12.28 14.81
CA LYS A 50 29.95 -13.38 14.69
C LYS A 50 28.82 -13.18 15.65
N TYR A 51 27.67 -13.80 15.40
CA TYR A 51 26.59 -13.75 16.38
C TYR A 51 26.84 -14.79 17.43
N ALA A 52 26.47 -14.47 18.66
CA ALA A 52 26.71 -15.37 19.76
C ALA A 52 25.95 -16.67 19.59
N ASP A 53 24.78 -16.61 18.96
CA ASP A 53 23.93 -17.78 18.78
C ASP A 53 24.03 -18.37 17.37
N GLY A 54 25.15 -18.13 16.70
CA GLY A 54 25.40 -18.73 15.41
C GLY A 54 25.19 -17.79 14.24
N GLY A 55 25.91 -18.03 13.16
CA GLY A 55 25.90 -17.17 12.00
C GLY A 55 26.74 -15.92 12.23
N GLU A 56 26.81 -15.06 11.23
CA GLU A 56 27.57 -13.83 11.36
C GLU A 56 26.92 -12.73 10.51
N PRO A 57 26.97 -11.49 11.00
CA PRO A 57 26.61 -10.34 10.17
C PRO A 57 27.65 -10.11 9.11
N VAL A 58 27.42 -9.10 8.28
CA VAL A 58 28.38 -8.62 7.31
C VAL A 58 29.11 -7.43 7.94
N TYR A 59 30.38 -7.22 7.59
CA TYR A 59 31.04 -5.99 8.07
C TYR A 59 32.05 -5.56 7.08
N ASN A 60 32.40 -4.29 7.13
CA ASN A 60 33.51 -3.85 6.32
C ASN A 60 34.36 -2.86 7.14
N VAL A 61 35.63 -2.70 6.74
CA VAL A 61 36.59 -1.87 7.46
C VAL A 61 37.05 -0.74 6.56
N ASN A 62 37.01 0.47 7.07
CA ASN A 62 37.55 1.57 6.31
C ASN A 62 38.44 2.41 7.23
N GLY A 63 39.74 2.15 7.21
CA GLY A 63 40.64 2.76 8.17
C GLY A 63 40.34 2.30 9.58
N ASN A 64 40.07 3.24 10.48
CA ASN A 64 39.76 2.89 11.86
C ASN A 64 38.25 2.59 12.07
N LEU A 65 37.46 2.75 11.01
CA LEU A 65 35.98 2.66 11.07
C LEU A 65 35.47 1.31 10.60
N VAL A 66 34.83 0.56 11.50
CA VAL A 66 34.25 -0.75 11.15
C VAL A 66 32.70 -0.58 11.07
N THR A 67 32.07 -1.09 10.02
CA THR A 67 30.61 -0.98 9.85
C THR A 67 29.99 -2.37 9.82
N ILE A 68 29.13 -2.66 10.81
CA ILE A 68 28.46 -3.95 10.89
C ILE A 68 27.07 -3.82 10.26
N ASP A 69 26.77 -4.67 9.28
CA ASP A 69 25.45 -4.72 8.62
C ASP A 69 24.73 -5.99 9.10
N LEU A 70 23.60 -5.83 9.81
CA LEU A 70 22.91 -6.96 10.39
C LEU A 70 22.04 -7.72 9.37
N THR A 71 22.01 -7.21 8.14
CA THR A 71 21.25 -7.78 7.00
C THR A 71 19.87 -8.25 7.46
N TRP A 72 19.62 -9.55 7.51
CA TRP A 72 18.25 -10.01 7.80
C TRP A 72 17.93 -9.83 9.24
N ARG A 73 18.93 -9.52 10.05
CA ARG A 73 18.64 -9.42 11.50
C ARG A 73 18.56 -7.96 12.04
N GLY A 74 18.36 -7.00 11.15
CA GLY A 74 18.36 -5.60 11.54
C GLY A 74 17.08 -5.05 12.15
N ILE A 75 16.04 -5.89 12.29
CA ILE A 75 14.74 -5.41 12.79
C ILE A 75 14.53 -5.84 14.22
N PHE A 76 14.23 -4.89 15.09
CA PHE A 76 14.13 -5.16 16.53
C PHE A 76 12.77 -4.79 17.08
N HIS A 77 11.87 -5.76 17.04
CA HIS A 77 10.55 -5.62 17.65
C HIS A 77 10.68 -5.69 19.17
N LEU A 78 9.58 -5.49 19.86
CA LEU A 78 9.53 -5.54 21.30
C LEU A 78 10.23 -6.78 21.82
N ASN A 79 11.01 -6.60 22.89
CA ASN A 79 11.68 -7.72 23.57
C ASN A 79 12.57 -8.56 22.68
N THR A 80 13.42 -7.93 21.88
CA THR A 80 14.26 -8.66 20.92
C THR A 80 15.72 -8.34 21.28
N THR A 81 16.59 -9.35 21.35
CA THR A 81 17.99 -9.11 21.69
C THR A 81 18.89 -9.78 20.68
N VAL A 82 19.98 -9.11 20.30
CA VAL A 82 20.94 -9.72 19.40
C VAL A 82 22.36 -9.51 20.01
N LYS A 83 23.13 -10.60 20.14
CA LYS A 83 24.46 -10.51 20.78
C LYS A 83 25.48 -10.81 19.76
N ILE A 84 26.49 -9.92 19.69
CA ILE A 84 27.52 -10.04 18.70
C ILE A 84 28.92 -10.18 19.40
N ILE A 85 29.74 -11.11 18.90
CA ILE A 85 31.10 -11.28 19.42
C ILE A 85 32.09 -10.81 18.39
N ILE A 86 32.90 -9.84 18.81
CA ILE A 86 33.91 -9.19 17.99
C ILE A 86 35.30 -9.58 18.54
N GLU A 87 36.16 -10.10 17.67
CA GLU A 87 37.53 -10.43 18.07
C GLU A 87 38.51 -9.56 17.31
N ILE A 88 39.38 -8.87 18.07
CA ILE A 88 40.30 -7.90 17.51
C ILE A 88 41.75 -8.35 17.82
N GLN A 89 42.63 -8.26 16.85
CA GLN A 89 44.07 -8.38 17.13
C GLN A 89 44.69 -7.04 17.50
N LYS A 90 45.18 -6.91 18.73
CA LYS A 90 45.58 -5.59 19.28
C LYS A 90 46.70 -4.92 18.47
N SER A 91 46.54 -3.64 18.16
CA SER A 91 47.60 -2.93 17.46
C SER A 91 47.21 -1.48 17.40
N GLY A 92 48.20 -0.59 17.31
CA GLY A 92 47.96 0.84 17.20
C GLY A 92 47.60 1.43 18.55
N ASP A 93 47.33 2.74 18.55
CA ASP A 93 47.13 3.45 19.80
C ASP A 93 45.68 3.47 20.35
N ASN A 94 44.72 2.89 19.63
CA ASN A 94 43.32 2.89 20.15
C ASN A 94 42.67 1.61 19.70
N PRO A 95 43.14 0.49 20.22
CA PRO A 95 42.79 -0.82 19.67
C PRO A 95 41.43 -1.37 20.18
N TYR A 96 41.03 -1.03 21.41
CA TYR A 96 39.73 -1.48 21.93
C TYR A 96 38.54 -0.83 21.16
N PRO A 97 37.59 -1.66 20.70
CA PRO A 97 36.36 -1.16 20.02
C PRO A 97 35.73 -0.03 20.81
N HIS A 98 35.59 1.13 20.20
CA HIS A 98 35.07 2.28 20.94
C HIS A 98 34.21 3.14 19.99
N ASN A 99 33.55 4.15 20.57
CA ASN A 99 32.66 5.02 19.81
C ASN A 99 31.62 4.21 18.98
N PHE A 100 31.00 3.24 19.63
CA PHE A 100 29.93 2.45 19.05
C PHE A 100 28.78 3.38 18.71
N LYS A 101 28.25 3.31 17.48
CA LYS A 101 27.03 4.08 17.19
C LYS A 101 26.03 3.19 16.48
N ILE A 102 24.80 3.13 17.00
CA ILE A 102 23.71 2.47 16.26
C ILE A 102 23.14 3.46 15.23
N HIS A 103 23.16 3.13 13.96
CA HIS A 103 22.57 4.04 12.99
C HIS A 103 21.18 3.50 12.55
N TYR A 104 20.12 4.22 12.88
CA TYR A 104 18.76 3.77 12.49
C TYR A 104 18.56 3.97 11.01
N LEU A 105 17.58 3.27 10.46
CA LEU A 105 17.30 3.43 9.04
C LEU A 105 16.40 4.67 8.88
N ARG A 106 17.02 5.84 8.86
CA ARG A 106 16.35 7.12 9.02
C ARG A 106 17.44 8.18 8.88
N GLY A 107 17.25 9.22 8.04
CA GLY A 107 18.33 10.16 7.77
C GLY A 107 18.58 10.94 9.03
N GLU A 108 19.80 10.88 9.54
CA GLU A 108 20.15 11.58 10.77
C GLU A 108 20.10 13.11 10.61
N SER A 109 20.27 13.60 9.39
CA SER A 109 20.33 15.05 9.18
C SER A 109 19.01 15.69 8.67
N ILE A 110 17.91 14.97 8.81
CA ILE A 110 16.68 15.50 8.22
C ILE A 110 16.33 16.80 8.87
N ILE A 111 15.97 17.76 8.03
CA ILE A 111 15.62 19.09 8.52
C ILE A 111 14.12 19.27 8.80
N TYR A 112 13.76 19.52 10.06
CA TYR A 112 12.37 19.86 10.38
C TYR A 112 12.38 21.26 11.02
N PRO A 113 11.99 22.26 10.27
CA PRO A 113 12.18 23.62 10.77
C PRO A 113 11.31 23.93 12.00
N THR A 114 11.79 24.85 12.82
CA THR A 114 10.99 25.40 13.92
C THR A 114 10.12 26.54 13.39
N ILE A 115 8.83 26.41 13.53
CA ILE A 115 7.95 27.47 13.03
C ILE A 115 7.92 28.61 14.09
N GLY A 116 7.74 28.23 15.36
CA GLY A 116 7.70 29.18 16.48
C GLY A 116 7.68 28.40 17.78
N GLU A 117 7.80 29.08 18.91
CA GLU A 117 7.86 28.40 20.20
C GLU A 117 7.12 29.22 21.25
N LEU A 118 6.53 28.55 22.23
CA LEU A 118 5.86 29.24 23.33
C LEU A 118 6.95 29.96 24.11
N PRO A 119 6.60 31.09 24.76
CA PRO A 119 7.59 31.74 25.63
C PRO A 119 8.22 30.75 26.59
N ALA A 120 9.52 30.93 26.81
CA ALA A 120 10.26 30.08 27.73
C ALA A 120 9.66 30.08 29.14
N SER A 121 9.00 31.16 29.52
CA SER A 121 8.33 31.14 30.83
C SER A 121 7.10 30.21 30.94
N TRP A 122 6.56 29.73 29.81
CA TRP A 122 5.38 28.84 29.85
C TRP A 122 5.65 27.55 30.61
N LYS A 123 4.70 27.17 31.45
CA LYS A 123 4.69 25.90 32.15
C LYS A 123 3.24 25.48 32.26
N PRO A 124 2.98 24.19 32.41
CA PRO A 124 1.62 23.69 32.58
C PRO A 124 0.93 24.27 33.80
N GLY A 125 -0.39 24.23 33.82
CA GLY A 125 -1.18 24.69 34.95
C GLY A 125 -1.49 26.16 34.90
N ASN A 126 -0.96 26.91 35.85
CA ASN A 126 -1.47 28.26 36.00
C ASN A 126 -0.60 29.29 35.28
N PHE A 127 -0.33 29.03 34.00
CA PHE A 127 0.31 30.04 33.17
C PHE A 127 -0.61 31.22 32.92
N THR A 128 -0.03 32.32 32.47
CA THR A 128 -0.77 33.55 32.21
C THR A 128 -0.69 33.98 30.76
N LEU A 129 -1.35 35.06 30.40
CA LEU A 129 -1.40 35.49 29.00
C LEU A 129 -0.01 35.78 28.43
N SER A 130 0.85 36.34 29.28
CA SER A 130 2.23 36.64 28.90
C SER A 130 3.04 35.39 28.70
N ASP A 131 2.64 34.29 29.34
CA ASP A 131 3.31 33.04 29.13
C ASP A 131 2.93 32.46 27.71
N LEU A 132 1.95 33.07 27.06
CA LEU A 132 1.50 32.59 25.75
C LEU A 132 1.98 33.49 24.66
N ILE A 133 1.94 34.80 24.87
CA ILE A 133 2.22 35.75 23.81
C ILE A 133 3.49 36.55 24.13
N ALA A 134 4.55 36.28 23.39
CA ALA A 134 5.84 36.92 23.65
C ALA A 134 5.77 38.38 23.29
N ASP A 135 5.13 38.67 22.17
CA ASP A 135 5.21 39.98 21.59
C ASP A 135 3.90 40.32 20.92
N PRO A 136 2.99 40.94 21.69
CA PRO A 136 1.65 41.23 21.18
C PRO A 136 1.57 42.02 19.89
N LYS A 137 2.44 42.99 19.68
CA LYS A 137 2.32 43.79 18.48
C LYS A 137 2.56 42.93 17.21
N SER A 138 3.54 42.05 17.32
CA SER A 138 3.85 41.13 16.23
C SER A 138 2.76 40.03 16.12
N TYR A 139 2.31 39.52 17.27
CA TYR A 139 1.33 38.46 17.29
C TYR A 139 0.04 38.86 16.57
N TYR A 140 -0.41 40.12 16.71
CA TYR A 140 -1.70 40.56 16.15
C TYR A 140 -1.56 41.39 14.92
N ASP A 141 -0.33 41.54 14.43
CA ASP A 141 -0.07 42.35 13.27
C ASP A 141 -0.71 41.77 11.99
N PRO A 142 -1.58 42.56 11.36
CA PRO A 142 -2.24 41.98 10.18
C PRO A 142 -1.40 42.03 8.92
N HIS A 143 -0.23 42.65 8.96
CA HIS A 143 0.52 42.81 7.72
C HIS A 143 1.05 41.43 7.33
N VAL A 144 0.91 41.09 6.05
CA VAL A 144 1.31 39.79 5.51
C VAL A 144 2.60 39.91 4.73
N LYS A 145 3.56 39.07 5.06
CA LYS A 145 4.84 39.03 4.35
C LYS A 145 4.84 37.92 3.28
N PRO A 146 4.76 38.25 1.98
CA PRO A 146 4.80 37.16 0.98
C PRO A 146 6.05 36.30 1.11
N HIS A 147 5.94 35.04 0.68
CA HIS A 147 7.04 34.10 0.79
C HIS A 147 7.02 33.11 -0.37
N GLN A 148 7.95 32.17 -0.39
CA GLN A 148 7.98 31.25 -1.54
C GLN A 148 8.27 29.82 -1.04
N ASN A 149 7.80 29.47 0.15
CA ASN A 149 8.00 28.09 0.63
C ASN A 149 7.21 27.07 -0.23
N GLY A 150 7.76 25.89 -0.45
CA GLY A 150 7.03 24.90 -1.22
C GLY A 150 6.40 23.96 -0.22
N PHE A 151 6.80 22.69 -0.29
CA PHE A 151 6.25 21.64 0.55
C PHE A 151 6.60 21.87 2.06
N ILE A 152 7.88 22.11 2.36
CA ILE A 152 8.35 22.28 3.77
C ILE A 152 8.51 23.76 4.07
N MET A 153 8.06 24.20 5.25
CA MET A 153 8.05 25.62 5.56
C MET A 153 9.41 25.98 6.20
N TYR A 154 10.48 26.01 5.41
CA TYR A 154 11.81 26.35 5.97
C TYR A 154 11.82 27.79 6.47
N ASN A 155 11.09 28.70 5.81
CA ASN A 155 11.10 30.13 6.20
C ASN A 155 9.67 30.69 6.44
N PRO A 156 9.08 30.33 7.55
CA PRO A 156 7.68 30.66 7.83
C PRO A 156 7.50 32.16 7.77
N PRO A 157 6.41 32.60 7.16
CA PRO A 157 6.24 34.05 7.06
C PRO A 157 5.90 34.69 8.42
N HIS A 158 5.52 33.90 9.41
CA HIS A 158 5.17 34.44 10.73
C HIS A 158 5.32 33.30 11.71
N PRO A 159 5.79 33.58 12.92
CA PRO A 159 5.95 32.48 13.87
C PRO A 159 4.70 31.98 14.60
N THR A 160 3.63 32.80 14.67
CA THR A 160 2.46 32.38 15.46
C THR A 160 1.17 32.48 14.62
N GLN A 161 1.23 33.18 13.49
CA GLN A 161 0.07 33.29 12.58
C GLN A 161 0.12 32.18 11.51
N ILE A 162 -1.04 31.60 11.19
CA ILE A 162 -1.19 30.71 10.01
C ILE A 162 -1.70 31.54 8.87
N ILE A 163 -1.01 31.50 7.75
CA ILE A 163 -1.40 32.36 6.63
C ILE A 163 -1.78 31.46 5.41
N ILE A 164 -3.07 31.19 5.25
CA ILE A 164 -3.50 30.48 4.07
C ILE A 164 -3.96 31.54 3.08
N GLY A 165 -3.31 31.60 1.92
CA GLY A 165 -3.63 32.65 0.97
C GLY A 165 -4.67 32.19 -0.01
N LEU A 166 -5.86 32.76 0.11
CA LEU A 166 -6.97 32.41 -0.78
C LEU A 166 -6.87 33.24 -2.05
N ALA A 167 -5.83 32.97 -2.82
CA ALA A 167 -5.57 33.70 -4.06
C ALA A 167 -6.50 33.32 -5.19
N ASP A 168 -6.74 34.27 -6.08
CA ASP A 168 -7.33 33.95 -7.37
C ASP A 168 -6.25 33.18 -8.15
N ILE A 169 -6.67 32.17 -8.92
N ILE A 169 -6.70 32.13 -8.82
CA ILE A 169 -5.73 31.34 -9.66
CA ILE A 169 -5.87 31.31 -9.68
C ILE A 169 -5.94 31.56 -11.16
C ILE A 169 -6.30 31.68 -11.09
N ASP A 170 -4.90 32.01 -11.87
N ASP A 170 -5.59 32.62 -11.69
CA ASP A 170 -4.97 32.25 -13.33
CA ASP A 170 -5.99 33.26 -12.94
C ASP A 170 -4.46 31.06 -14.15
C ASP A 170 -5.33 32.57 -14.09
N TYR A 171 -3.79 30.16 -13.45
N TYR A 171 -5.44 31.25 -14.07
CA TYR A 171 -3.32 28.91 -14.04
CA TYR A 171 -4.82 30.38 -15.04
C TYR A 171 -4.53 28.10 -14.44
C TYR A 171 -5.39 28.96 -14.92
N PRO A 172 -4.46 27.37 -15.56
N PRO A 172 -5.18 28.09 -15.91
CA PRO A 172 -5.65 26.59 -15.96
CA PRO A 172 -5.92 26.83 -15.80
C PRO A 172 -5.82 25.28 -15.16
C PRO A 172 -5.47 25.88 -14.66
N LEU A 173 -6.49 25.38 -14.00
CA LEU A 173 -6.49 24.29 -13.05
C LEU A 173 -7.47 23.26 -13.56
N ASN A 174 -6.99 22.02 -13.76
CA ASN A 174 -7.86 20.94 -14.22
C ASN A 174 -8.66 21.32 -15.45
N LEU A 175 -8.04 22.15 -16.29
CA LEU A 175 -8.55 22.65 -17.58
C LEU A 175 -9.65 23.71 -17.43
N ALA A 176 -9.90 24.19 -16.21
CA ALA A 176 -10.84 25.30 -16.06
C ALA A 176 -10.13 26.60 -16.44
N SER A 177 -10.87 27.63 -16.85
CA SER A 177 -10.15 28.84 -17.29
C SER A 177 -9.54 29.62 -16.12
N SER A 178 -10.16 29.48 -14.93
CA SER A 178 -9.62 30.16 -13.75
C SER A 178 -10.20 29.48 -12.48
N ALA A 179 -9.66 29.81 -11.31
CA ALA A 179 -10.20 29.22 -10.08
C ALA A 179 -9.99 30.21 -8.93
N ARG A 180 -10.58 29.90 -7.78
CA ARG A 180 -10.31 30.64 -6.56
C ARG A 180 -10.15 29.68 -5.42
N MET A 181 -9.09 29.82 -4.64
CA MET A 181 -8.87 28.90 -3.51
C MET A 181 -9.87 29.20 -2.40
N TRP A 182 -10.33 28.16 -1.71
CA TRP A 182 -11.25 28.36 -0.57
C TRP A 182 -11.05 27.19 0.38
N VAL A 183 -11.35 27.46 1.63
CA VAL A 183 -11.22 26.49 2.70
C VAL A 183 -12.64 25.99 2.99
N PRO A 184 -12.94 24.70 2.73
CA PRO A 184 -14.35 24.25 2.89
C PRO A 184 -14.93 24.42 4.29
N ASN A 185 -14.15 24.19 5.35
CA ASN A 185 -14.66 24.44 6.71
C ASN A 185 -13.51 24.54 7.67
N LYS A 186 -13.81 24.92 8.90
CA LYS A 186 -12.78 25.27 9.85
C LYS A 186 -12.17 24.02 10.42
N TYR A 187 -12.88 22.87 10.37
CA TYR A 187 -12.29 21.67 10.95
C TYR A 187 -11.15 21.19 10.04
N PHE A 188 -11.41 21.28 8.75
CA PHE A 188 -10.36 21.04 7.75
C PHE A 188 -9.20 22.03 7.96
N ALA A 189 -9.52 23.30 8.20
CA ALA A 189 -8.45 24.29 8.44
C ALA A 189 -7.62 23.89 9.67
N MET A 190 -8.30 23.44 10.73
CA MET A 190 -7.53 22.98 11.89
C MET A 190 -6.66 21.76 11.59
N GLY A 191 -7.12 20.85 10.74
CA GLY A 191 -6.27 19.72 10.35
C GLY A 191 -5.03 20.18 9.56
N LEU A 192 -5.20 21.15 8.66
CA LEU A 192 -4.06 21.73 7.93
C LEU A 192 -3.06 22.31 8.97
N ALA A 193 -3.60 22.93 10.01
CA ALA A 193 -2.73 23.67 10.96
C ALA A 193 -1.91 22.65 11.71
N LEU A 194 -2.52 21.50 12.02
CA LEU A 194 -1.80 20.51 12.78
C LEU A 194 -0.76 19.86 11.86
N ALA A 195 -1.08 19.64 10.58
CA ALA A 195 -0.07 19.11 9.66
C ALA A 195 1.15 20.05 9.59
N TYR A 196 0.87 21.34 9.57
CA TYR A 196 1.91 22.40 9.53
C TYR A 196 2.76 22.34 10.80
N GLU A 197 2.14 22.42 11.96
CA GLU A 197 2.91 22.49 13.21
C GLU A 197 3.60 21.16 13.52
N TRP A 198 2.93 20.06 13.25
CA TRP A 198 3.50 18.75 13.51
C TRP A 198 4.58 18.37 12.49
N PHE A 199 4.29 18.46 11.17
CA PHE A 199 5.23 17.88 10.16
C PHE A 199 5.89 18.95 9.33
N LYS A 200 5.60 20.22 9.65
CA LYS A 200 6.24 21.42 9.01
C LYS A 200 5.81 21.57 7.58
N VAL A 201 4.64 21.01 7.24
CA VAL A 201 4.12 21.16 5.89
C VAL A 201 3.33 22.46 5.70
N ASN A 202 3.71 23.21 4.67
CA ASN A 202 3.09 24.46 4.23
C ASN A 202 1.62 24.23 3.90
N PRO A 203 0.70 24.88 4.63
CA PRO A 203 -0.72 24.70 4.35
C PRO A 203 -1.05 25.04 2.91
N ASN A 204 -0.35 25.98 2.29
CA ASN A 204 -0.68 26.33 0.91
C ASN A 204 -0.36 25.12 -0.06
N PHE A 205 0.65 24.35 0.31
CA PHE A 205 1.03 23.21 -0.54
C PHE A 205 -0.13 22.15 -0.47
N LEU A 206 -0.59 21.84 0.75
CA LEU A 206 -1.72 20.85 0.89
C LEU A 206 -2.98 21.36 0.21
N MET A 207 -3.16 22.69 0.23
CA MET A 207 -4.33 23.32 -0.44
C MET A 207 -4.25 23.12 -1.96
N ALA A 208 -3.06 23.36 -2.48
CA ALA A 208 -2.78 23.25 -3.89
C ALA A 208 -2.97 21.79 -4.31
N LEU A 209 -2.50 20.89 -3.46
CA LEU A 209 -2.50 19.48 -3.79
C LEU A 209 -3.98 19.02 -3.86
N ALA A 210 -4.80 19.39 -2.89
CA ALA A 210 -6.21 18.96 -2.92
C ALA A 210 -6.94 19.55 -4.13
N ALA A 211 -6.57 20.78 -4.53
CA ALA A 211 -7.26 21.43 -5.63
C ALA A 211 -7.01 20.63 -6.95
N LYS A 212 -5.75 20.26 -7.16
CA LYS A 212 -5.35 19.46 -8.34
C LYS A 212 -6.02 18.08 -8.29
N GLU A 213 -5.94 17.43 -7.14
CA GLU A 213 -6.40 16.01 -7.04
C GLU A 213 -7.89 15.86 -7.18
N ASN A 214 -8.67 16.77 -6.59
CA ASN A 214 -10.14 16.61 -6.64
C ASN A 214 -10.89 17.89 -6.33
N TRP A 215 -10.33 19.02 -6.72
CA TRP A 215 -11.01 20.30 -6.53
C TRP A 215 -11.41 20.46 -5.06
N GLY A 216 -10.63 19.93 -4.11
CA GLY A 216 -11.13 19.90 -2.74
C GLY A 216 -11.20 21.31 -2.14
N THR A 217 -10.37 22.20 -2.66
CA THR A 217 -10.04 23.48 -2.00
C THR A 217 -10.05 24.61 -3.01
N ALA A 218 -10.80 24.46 -4.09
CA ALA A 218 -10.89 25.52 -5.06
C ALA A 218 -12.27 25.51 -5.68
N VAL A 219 -12.75 26.70 -6.07
CA VAL A 219 -14.05 26.78 -6.76
C VAL A 219 -13.76 27.52 -8.05
N THR A 220 -14.75 27.62 -8.95
CA THR A 220 -14.50 28.28 -10.23
C THR A 220 -15.80 28.92 -10.75
N LYS A 221 -15.67 29.99 -11.52
CA LYS A 221 -16.81 30.53 -12.27
C LYS A 221 -16.95 29.94 -13.66
N ASP A 222 -16.04 29.05 -14.03
CA ASP A 222 -16.06 28.41 -15.36
C ASP A 222 -17.32 27.60 -15.51
N PRO A 223 -18.19 27.99 -16.47
CA PRO A 223 -19.52 27.36 -16.49
C PRO A 223 -19.49 25.94 -17.07
N ALA A 224 -18.38 25.54 -17.69
CA ALA A 224 -18.18 24.17 -18.11
C ALA A 224 -18.15 23.23 -16.91
N PHE A 225 -17.91 23.79 -15.73
CA PHE A 225 -17.58 22.96 -14.59
C PHE A 225 -18.66 22.83 -13.58
N LYS A 226 -19.71 22.11 -13.93
CA LYS A 226 -20.73 21.71 -13.00
C LYS A 226 -20.11 21.25 -11.69
N GLY A 227 -20.76 21.66 -10.61
CA GLY A 227 -20.35 21.31 -9.27
C GLY A 227 -21.39 21.84 -8.30
N TYR A 228 -21.08 21.71 -7.02
CA TYR A 228 -21.94 22.22 -5.99
C TYR A 228 -21.86 23.74 -6.13
N LYS A 229 -22.96 24.43 -5.84
CA LYS A 229 -22.99 25.89 -5.86
C LYS A 229 -22.51 26.42 -4.52
N VAL A 230 -21.57 27.34 -4.57
CA VAL A 230 -21.09 27.96 -3.35
C VAL A 230 -21.20 29.47 -3.62
N ILE A 231 -21.88 30.20 -2.74
CA ILE A 231 -21.98 31.65 -2.93
C ILE A 231 -20.93 32.30 -2.05
N ILE A 232 -20.06 33.13 -2.60
CA ILE A 232 -19.02 33.74 -1.74
C ILE A 232 -19.11 35.24 -1.95
N ASP A 233 -19.38 35.94 -0.85
CA ASP A 233 -19.81 37.34 -0.88
C ASP A 233 -20.57 37.73 -2.17
N GLU A 234 -21.75 37.11 -2.29
CA GLU A 234 -22.77 37.41 -3.31
C GLU A 234 -22.37 37.14 -4.75
N GLU A 235 -21.41 36.25 -4.91
CA GLU A 235 -21.07 35.70 -6.23
C GLU A 235 -21.21 34.18 -6.26
N GLU A 236 -21.82 33.66 -7.32
CA GLU A 236 -21.99 32.23 -7.48
C GLU A 236 -20.71 31.55 -8.01
N TYR A 237 -20.24 30.53 -7.31
CA TYR A 237 -19.11 29.70 -7.81
C TYR A 237 -19.56 28.22 -7.91
N TYR A 238 -18.85 27.42 -8.74
CA TYR A 238 -19.04 25.98 -8.76
C TYR A 238 -17.88 25.32 -8.04
N TRP A 239 -18.21 24.30 -7.28
CA TRP A 239 -17.21 23.51 -6.52
C TRP A 239 -17.17 22.12 -7.15
N PRO A 240 -16.25 21.88 -8.11
CA PRO A 240 -16.29 20.64 -8.92
C PRO A 240 -15.67 19.44 -8.22
N VAL A 241 -15.73 19.42 -6.90
CA VAL A 241 -15.24 18.29 -6.13
C VAL A 241 -16.11 17.01 -6.33
N GLN A 242 -15.50 15.82 -6.39
CA GLN A 242 -16.31 14.59 -6.25
C GLN A 242 -16.30 14.28 -4.78
N ILE A 243 -17.32 14.76 -4.07
CA ILE A 243 -17.20 14.87 -2.61
C ILE A 243 -17.37 13.53 -1.93
N ASP A 244 -17.99 12.57 -2.61
CA ASP A 244 -18.13 11.25 -2.02
C ASP A 244 -17.05 10.24 -2.44
N HIS A 245 -16.03 10.70 -3.11
CA HIS A 245 -14.97 9.78 -3.55
C HIS A 245 -14.28 9.14 -2.33
N PRO A 246 -14.17 7.81 -2.31
CA PRO A 246 -13.57 7.14 -1.15
C PRO A 246 -12.13 7.58 -0.91
N ASP A 247 -11.46 8.09 -1.93
CA ASP A 247 -10.04 8.50 -1.70
C ASP A 247 -9.96 9.99 -1.27
N GLY A 248 -11.09 10.69 -1.15
CA GLY A 248 -11.07 12.02 -0.50
C GLY A 248 -10.56 13.10 -1.40
N ILE A 249 -10.33 14.28 -0.83
CA ILE A 249 -9.94 15.41 -1.67
C ILE A 249 -8.45 15.35 -2.02
N PHE A 250 -7.67 14.58 -1.30
CA PHE A 250 -6.22 14.35 -1.62
C PHE A 250 -5.95 13.14 -2.49
N GLN A 251 -7.00 12.32 -2.70
CA GLN A 251 -6.91 11.09 -3.56
C GLN A 251 -5.83 10.18 -3.08
N VAL A 252 -5.84 9.96 -1.78
CA VAL A 252 -4.94 8.97 -1.19
C VAL A 252 -5.63 7.57 -1.38
N GLU A 253 -4.96 6.63 -2.06
CA GLU A 253 -5.50 5.27 -2.27
C GLU A 253 -5.26 4.33 -1.12
N SER A 254 -6.00 3.21 -1.08
CA SER A 254 -5.82 2.34 0.04
C SER A 254 -4.45 1.67 0.13
N GLY A 255 -3.74 1.39 -0.98
CA GLY A 255 -2.44 0.74 -0.89
C GLY A 255 -1.45 1.70 -0.15
N ASN A 256 -1.39 2.95 -0.58
CA ASN A 256 -0.52 3.95 0.08
C ASN A 256 -0.89 4.15 1.55
N PHE A 257 -2.21 4.17 1.84
CA PHE A 257 -2.68 4.25 3.23
C PHE A 257 -2.21 3.09 4.06
N ASN A 258 -2.37 1.89 3.50
CA ASN A 258 -1.90 0.68 4.17
C ASN A 258 -0.39 0.76 4.47
N GLN A 259 0.36 1.23 3.49
CA GLN A 259 1.82 1.32 3.68
C GLN A 259 2.22 2.35 4.77
N ILE A 260 1.59 3.53 4.77
CA ILE A 260 2.02 4.50 5.80
C ILE A 260 1.53 4.13 7.18
N LYS A 261 0.39 3.44 7.28
CA LYS A 261 0.05 2.77 8.52
C LYS A 261 1.13 1.77 8.98
N ALA A 262 1.65 0.95 8.07
CA ALA A 262 2.71 0.00 8.47
C ALA A 262 4.00 0.75 8.94
N TYR A 263 4.31 1.84 8.25
CA TYR A 263 5.56 2.59 8.54
C TYR A 263 5.45 3.37 9.84
N TYR A 264 4.23 3.71 10.21
CA TYR A 264 4.03 4.61 11.33
C TYR A 264 3.11 4.05 12.39
N PRO A 265 3.55 2.99 13.05
CA PRO A 265 2.76 2.50 14.20
C PRO A 265 2.60 3.54 15.30
N ASP A 266 3.50 4.53 15.43
CA ASP A 266 3.31 5.56 16.46
C ASP A 266 2.23 6.54 16.09
N ILE A 267 1.95 6.70 14.80
CA ILE A 267 0.91 7.68 14.40
C ILE A 267 -0.49 7.00 14.22
N PHE A 268 -0.53 5.81 13.63
CA PHE A 268 -1.80 5.15 13.29
C PHE A 268 -2.10 3.98 14.19
N PRO A 269 -3.29 3.98 14.85
CA PRO A 269 -3.68 2.74 15.55
C PRO A 269 -4.00 1.63 14.54
N ASP A 270 -4.00 0.38 14.99
CA ASP A 270 -4.23 -0.74 14.10
C ASP A 270 -5.63 -0.71 13.48
N THR A 271 -6.55 0.03 14.12
CA THR A 271 -7.95 0.13 13.67
C THR A 271 -8.12 1.08 12.49
N ALA A 272 -7.08 1.84 12.15
CA ALA A 272 -7.27 2.95 11.18
C ALA A 272 -7.69 2.38 9.83
N ASP A 273 -8.73 2.92 9.26
CA ASP A 273 -9.32 2.42 8.04
C ASP A 273 -9.31 3.50 6.95
N HIS A 274 -8.93 3.14 5.73
CA HIS A 274 -8.78 4.10 4.64
C HIS A 274 -10.00 5.01 4.39
N ASP A 275 -11.15 4.39 4.11
CA ASP A 275 -12.33 5.23 3.77
C ASP A 275 -12.74 6.07 4.99
N ASP A 276 -12.64 5.52 6.19
CA ASP A 276 -12.99 6.33 7.35
C ASP A 276 -12.10 7.61 7.51
N TYR A 277 -10.81 7.49 7.16
CA TYR A 277 -9.85 8.60 7.36
C TYR A 277 -9.88 9.57 6.20
N MET A 278 -10.23 9.11 4.98
CA MET A 278 -10.08 9.93 3.78
C MET A 278 -11.43 10.45 3.22
N LYS A 279 -12.49 9.68 3.39
CA LYS A 279 -13.73 10.01 2.66
C LYS A 279 -14.55 11.10 3.39
N VAL A 280 -14.65 12.26 2.77
CA VAL A 280 -15.33 13.39 3.40
C VAL A 280 -16.75 13.41 2.84
N SER A 281 -17.47 14.49 3.08
CA SER A 281 -18.79 14.66 2.54
C SER A 281 -19.15 16.11 2.70
N LEU A 282 -20.33 16.48 2.27
CA LEU A 282 -20.78 17.87 2.43
C LEU A 282 -20.96 18.29 3.90
N ASP A 283 -21.11 17.32 4.79
CA ASP A 283 -21.27 17.57 6.22
C ASP A 283 -19.90 18.05 6.80
N PRO A 284 -19.83 19.27 7.36
CA PRO A 284 -18.53 19.71 7.91
C PRO A 284 -18.11 18.91 9.13
N ASN A 285 -19.06 18.18 9.72
CA ASN A 285 -18.71 17.35 10.88
C ASN A 285 -18.13 16.01 10.53
N ASP A 286 -18.00 15.72 9.23
CA ASP A 286 -17.38 14.44 8.88
C ASP A 286 -15.93 14.46 9.42
N THR A 287 -15.52 13.46 10.19
CA THR A 287 -14.22 13.52 10.87
C THR A 287 -13.08 13.45 9.86
N ALA A 288 -13.36 12.97 8.65
CA ALA A 288 -12.29 12.91 7.62
C ALA A 288 -11.85 14.34 7.19
N TRP A 289 -12.65 15.37 7.49
CA TRP A 289 -12.17 16.74 7.20
C TRP A 289 -10.91 17.03 8.06
N ILE A 290 -10.82 16.41 9.22
CA ILE A 290 -9.67 16.61 10.07
C ILE A 290 -8.58 15.59 9.77
N THR A 291 -8.94 14.31 9.68
CA THR A 291 -7.91 13.30 9.50
C THR A 291 -7.26 13.34 8.11
N SER A 292 -7.98 13.73 7.07
CA SER A 292 -7.43 13.53 5.72
C SER A 292 -6.22 14.45 5.41
N PRO A 293 -6.24 15.73 5.82
CA PRO A 293 -4.99 16.49 5.58
C PRO A 293 -3.80 15.99 6.41
N ILE A 294 -4.03 15.44 7.58
CA ILE A 294 -2.92 14.84 8.33
C ILE A 294 -2.40 13.57 7.64
N VAL A 295 -3.31 12.74 7.13
CA VAL A 295 -2.88 11.56 6.35
C VAL A 295 -2.05 11.97 5.11
N ALA A 296 -2.55 12.93 4.35
CA ALA A 296 -1.81 13.40 3.20
C ALA A 296 -0.41 13.91 3.59
N ALA A 297 -0.34 14.68 4.68
CA ALA A 297 0.96 15.19 5.19
C ALA A 297 1.91 14.03 5.58
N VAL A 298 1.40 12.99 6.24
CA VAL A 298 2.23 11.86 6.57
C VAL A 298 2.68 11.12 5.32
N SER A 299 1.80 11.01 4.32
CA SER A 299 2.20 10.36 3.08
C SER A 299 3.35 11.11 2.38
N LEU A 300 3.24 12.42 2.32
CA LEU A 300 4.30 13.26 1.77
C LEU A 300 5.57 13.17 2.60
N THR A 301 5.38 13.14 3.91
CA THR A 301 6.49 13.05 4.84
C THR A 301 7.23 11.76 4.60
N MET A 302 6.50 10.70 4.32
CA MET A 302 7.09 9.40 4.08
C MET A 302 8.05 9.46 2.90
N GLU A 303 7.67 10.17 1.84
CA GLU A 303 8.55 10.26 0.69
C GLU A 303 9.87 10.93 1.07
N ARG A 304 9.76 12.04 1.81
CA ARG A 304 10.92 12.80 2.22
C ARG A 304 11.82 11.99 3.14
N GLU A 305 11.21 11.30 4.09
CA GLU A 305 11.92 10.42 5.01
C GLU A 305 12.61 9.28 4.28
N LEU A 306 11.95 8.75 3.26
CA LEU A 306 12.54 7.63 2.51
C LEU A 306 13.81 8.12 1.74
N LEU A 307 13.69 9.27 1.10
CA LEU A 307 14.82 9.84 0.37
C LEU A 307 16.00 10.04 1.34
N TYR A 308 15.73 10.71 2.44
CA TYR A 308 16.77 10.93 3.45
C TYR A 308 17.38 9.65 3.93
N ALA A 309 16.56 8.63 4.20
CA ALA A 309 17.09 7.34 4.72
C ALA A 309 18.02 6.69 3.72
N ALA A 310 17.77 6.93 2.44
CA ALA A 310 18.55 6.28 1.40
C ALA A 310 19.81 7.05 1.06
N VAL A 311 19.74 8.38 1.04
CA VAL A 311 20.89 9.12 0.47
C VAL A 311 21.64 9.95 1.55
N GLY A 312 21.11 9.97 2.77
CA GLY A 312 21.70 10.69 3.88
C GLY A 312 22.09 12.12 3.57
N ASP A 313 23.36 12.44 3.86
CA ASP A 313 23.87 13.83 3.74
C ASP A 313 23.74 14.42 2.37
N LYS A 314 23.72 13.57 1.35
CA LYS A 314 23.53 14.08 -0.01
C LYS A 314 22.20 14.82 -0.22
N TYR A 315 21.19 14.51 0.61
CA TYR A 315 19.89 15.20 0.42
C TYR A 315 20.03 16.70 0.70
N ASN A 316 20.58 17.04 1.85
CA ASN A 316 20.79 18.49 2.15
C ASN A 316 21.81 19.16 1.16
N GLU A 317 22.75 18.37 0.68
CA GLU A 317 23.69 18.87 -0.32
C GLU A 317 22.94 19.22 -1.59
N PHE A 318 22.00 18.37 -2.00
CA PHE A 318 21.13 18.70 -3.14
C PHE A 318 20.30 19.96 -2.91
N LEU A 319 19.74 20.11 -1.71
CA LEU A 319 18.92 21.31 -1.42
C LEU A 319 19.80 22.60 -1.54
N ARG A 320 21.02 22.50 -1.06
CA ARG A 320 22.00 23.64 -1.11
C ARG A 320 22.36 23.97 -2.57
N LEU A 321 22.58 22.96 -3.41
CA LEU A 321 23.16 23.20 -4.74
C LEU A 321 22.23 23.33 -5.91
N ALA A 322 21.03 22.74 -5.85
CA ALA A 322 20.16 22.73 -7.02
C ALA A 322 19.88 24.12 -7.53
N LYS A 323 19.91 24.33 -8.84
CA LYS A 323 19.58 25.67 -9.37
C LYS A 323 18.09 26.00 -9.33
N ASP A 324 17.22 24.99 -9.31
CA ASP A 324 15.77 25.22 -9.29
C ASP A 324 15.35 25.33 -7.80
N PRO A 325 14.92 26.50 -7.39
CA PRO A 325 14.61 26.63 -5.97
C PRO A 325 13.34 25.80 -5.54
N TRP A 326 12.57 25.30 -6.50
CA TRP A 326 11.37 24.51 -6.19
C TRP A 326 11.67 23.00 -6.39
N ALA A 327 12.97 22.66 -6.59
CA ALA A 327 13.35 21.28 -6.88
C ALA A 327 12.78 20.25 -5.86
N GLU A 328 12.96 20.46 -4.54
CA GLU A 328 12.50 19.51 -3.57
C GLU A 328 10.97 19.29 -3.70
N THR A 329 10.26 20.40 -3.79
CA THR A 329 8.77 20.37 -3.88
C THR A 329 8.33 19.64 -5.15
N GLU A 330 9.02 19.86 -6.27
CA GLU A 330 8.72 19.14 -7.49
C GLU A 330 8.91 17.60 -7.34
N ILE A 331 10.01 17.19 -6.73
CA ILE A 331 10.33 15.77 -6.51
C ILE A 331 9.26 15.14 -5.60
N ILE A 332 8.98 15.82 -4.52
CA ILE A 332 8.00 15.29 -3.56
C ILE A 332 6.58 15.23 -4.22
N ASP A 333 6.16 16.28 -4.92
CA ASP A 333 4.87 16.23 -5.59
C ASP A 333 4.83 15.14 -6.69
N PHE A 334 5.90 15.05 -7.47
CA PHE A 334 5.95 13.98 -8.49
C PHE A 334 5.79 12.58 -7.85
N GLY A 335 6.49 12.33 -6.75
CA GLY A 335 6.47 11.07 -6.03
C GLY A 335 5.05 10.81 -5.46
N TYR A 336 4.35 11.89 -5.14
CA TYR A 336 2.99 11.74 -4.56
C TYR A 336 2.08 11.21 -5.63
N ASN A 337 2.20 11.78 -6.82
CA ASN A 337 1.33 11.36 -7.93
C ASN A 337 1.80 10.06 -8.64
N ARG A 338 3.11 9.88 -8.82
CA ARG A 338 3.60 8.72 -9.62
C ARG A 338 4.27 7.66 -8.76
N GLY A 339 4.49 7.93 -7.48
CA GLY A 339 4.99 6.96 -6.52
C GLY A 339 6.51 7.09 -6.28
N VAL A 340 7.01 6.53 -5.20
CA VAL A 340 8.46 6.64 -4.91
C VAL A 340 9.32 5.80 -5.85
N GLY A 341 8.72 4.77 -6.48
CA GLY A 341 9.43 3.98 -7.51
C GLY A 341 9.79 4.90 -8.68
N ALA A 342 8.83 5.75 -9.04
CA ALA A 342 9.04 6.68 -10.17
C ALA A 342 10.09 7.74 -9.83
N ILE A 343 10.12 8.21 -8.59
CA ILE A 343 11.27 9.10 -8.16
C ILE A 343 12.61 8.37 -8.34
N GLU A 344 12.65 7.16 -7.81
CA GLU A 344 13.87 6.32 -7.79
C GLU A 344 14.43 6.11 -9.18
N ALA A 345 13.53 5.95 -10.16
CA ALA A 345 13.93 5.70 -11.55
C ALA A 345 14.63 6.90 -12.20
N LEU A 346 14.37 8.10 -11.68
CA LEU A 346 15.00 9.33 -12.23
C LEU A 346 16.50 9.37 -11.93
N LYS A 347 16.90 8.70 -10.86
CA LYS A 347 18.30 8.66 -10.42
C LYS A 347 18.89 10.08 -10.18
N ILE A 348 18.07 10.98 -9.66
CA ILE A 348 18.50 12.34 -9.31
C ILE A 348 19.68 12.39 -8.35
N PHE A 349 19.75 11.44 -7.44
CA PHE A 349 20.75 11.48 -6.39
C PHE A 349 21.95 10.60 -6.67
N SER A 350 22.05 10.08 -7.89
CA SER A 350 23.19 9.21 -8.22
C SER A 350 23.56 9.50 -9.66
N ASP A 351 23.12 8.65 -10.58
CA ASP A 351 23.53 8.76 -11.99
C ASP A 351 23.29 10.12 -12.61
N ASN A 352 22.21 10.81 -12.23
CA ASN A 352 21.88 12.04 -12.92
C ASN A 352 22.04 13.30 -12.05
N TRP A 353 22.86 13.17 -11.02
CA TRP A 353 23.13 14.28 -10.12
C TRP A 353 23.45 15.63 -10.77
N GLU A 354 24.40 15.64 -11.70
CA GLU A 354 24.83 16.92 -12.25
C GLU A 354 23.77 17.56 -13.07
N LYS A 355 23.13 16.75 -13.91
CA LYS A 355 22.00 17.24 -14.66
C LYS A 355 20.91 17.80 -13.73
N ALA A 356 20.66 17.13 -12.61
CA ALA A 356 19.60 17.56 -11.68
C ALA A 356 19.96 18.89 -11.01
N ILE A 357 21.16 18.97 -10.44
CA ILE A 357 21.46 20.23 -9.74
C ILE A 357 21.64 21.41 -10.70
N ASN A 358 21.88 21.16 -11.98
CA ASN A 358 22.05 22.25 -12.94
C ASN A 358 20.82 22.65 -13.68
N ALA A 359 19.73 21.94 -13.43
CA ALA A 359 18.51 22.26 -14.16
C ALA A 359 17.85 23.52 -13.61
N GLU A 360 17.45 24.43 -14.50
CA GLU A 360 16.76 25.63 -14.06
C GLU A 360 15.33 25.32 -13.65
N VAL A 361 14.69 24.40 -14.40
CA VAL A 361 13.38 23.85 -14.02
C VAL A 361 13.54 22.32 -14.04
N LEU A 362 13.73 21.74 -12.86
CA LEU A 362 13.96 20.30 -12.73
C LEU A 362 12.87 19.47 -13.45
N TRP A 363 11.60 19.82 -13.28
CA TRP A 363 10.57 18.89 -13.76
C TRP A 363 10.54 18.84 -15.28
N LYS A 364 10.96 19.92 -15.94
CA LYS A 364 11.00 19.93 -17.41
C LYS A 364 12.17 19.14 -17.95
N GLU A 365 13.30 19.22 -17.25
CA GLU A 365 14.47 18.48 -17.68
C GLU A 365 14.30 16.98 -17.51
N PHE A 366 13.58 16.57 -16.47
CA PHE A 366 13.46 15.17 -16.14
C PHE A 366 12.12 14.56 -16.51
N ASN A 367 11.28 15.34 -17.19
CA ASN A 367 9.96 14.86 -17.56
C ASN A 367 9.17 14.33 -16.36
N MET A 368 9.13 15.13 -15.30
CA MET A 368 8.45 14.78 -14.06
C MET A 368 7.15 15.57 -13.92
N GLU A 369 6.43 15.70 -15.01
CA GLU A 369 5.15 16.39 -14.96
C GLU A 369 4.14 15.68 -14.05
N GLY A 370 4.19 14.37 -14.02
CA GLY A 370 3.07 13.57 -13.53
C GLY A 370 1.86 13.57 -14.46
N PHE A 371 0.77 12.90 -14.08
CA PHE A 371 -0.45 12.96 -14.92
C PHE A 371 -1.22 14.25 -14.79
N GLY A 372 -1.75 14.75 -15.91
CA GLY A 372 -2.65 15.91 -15.89
C GLY A 372 -1.95 17.17 -15.44
N GLY A 373 -0.66 17.31 -15.77
CA GLY A 373 0.09 18.53 -15.42
C GLY A 373 0.19 18.71 -13.90
N HIS A 374 0.28 17.58 -13.19
CA HIS A 374 0.20 17.56 -11.73
C HIS A 374 1.27 18.48 -11.09
N VAL A 375 2.54 18.27 -11.44
CA VAL A 375 3.64 19.03 -10.80
C VAL A 375 3.57 20.56 -11.10
N PRO A 376 3.52 20.96 -12.39
CA PRO A 376 3.43 22.42 -12.59
C PRO A 376 2.16 23.05 -11.97
N THR A 377 1.04 22.34 -11.98
CA THR A 377 -0.17 22.91 -11.35
C THR A 377 0.04 23.15 -9.86
N VAL A 378 0.51 22.13 -9.15
CA VAL A 378 0.57 22.19 -7.69
C VAL A 378 1.63 23.25 -7.31
N ILE A 379 2.72 23.27 -8.05
CA ILE A 379 3.79 24.23 -7.74
C ILE A 379 3.35 25.66 -8.02
N ASN A 380 2.70 25.87 -9.17
CA ASN A 380 2.16 27.20 -9.50
C ASN A 380 1.14 27.69 -8.46
N ILE A 381 0.24 26.82 -8.04
CA ILE A 381 -0.77 27.27 -7.08
C ILE A 381 -0.14 27.55 -5.71
N THR A 382 0.77 26.69 -5.27
CA THR A 382 1.45 26.93 -3.99
C THR A 382 2.15 28.31 -4.03
N ALA A 383 2.90 28.57 -5.12
CA ALA A 383 3.61 29.85 -5.27
C ALA A 383 2.62 31.03 -5.24
N THR A 384 1.54 30.93 -5.99
CA THR A 384 0.51 32.00 -6.02
C THR A 384 -0.13 32.25 -4.66
N MET A 385 -0.47 31.18 -3.94
CA MET A 385 -1.02 31.32 -2.60
C MET A 385 0.00 31.96 -1.65
N ASP A 386 1.24 31.52 -1.76
CA ASP A 386 2.34 32.06 -0.91
C ASP A 386 2.47 33.60 -1.06
N MET A 387 2.23 34.10 -2.26
CA MET A 387 2.34 35.55 -2.56
C MET A 387 1.11 36.36 -2.13
N GLU A 388 0.03 35.68 -1.71
CA GLU A 388 -1.24 36.36 -1.48
C GLU A 388 -1.12 37.20 -0.20
N THR A 389 -1.51 38.47 -0.26
CA THR A 389 -1.51 39.30 0.94
C THR A 389 -2.88 39.85 1.32
N GLU A 390 -3.70 40.07 0.32
CA GLU A 390 -5.04 40.62 0.51
C GLU A 390 -6.11 39.76 1.17
N ARG A 391 -6.17 38.49 0.81
CA ARG A 391 -7.23 37.63 1.29
C ARG A 391 -6.62 36.42 2.00
N ILE A 392 -6.66 36.43 3.32
CA ILE A 392 -6.05 35.38 4.11
C ILE A 392 -7.10 34.71 4.94
N TYR A 393 -7.12 33.39 4.92
CA TYR A 393 -8.16 32.71 5.67
C TYR A 393 -8.17 33.03 7.18
N ASP A 394 -9.35 33.18 7.75
CA ASP A 394 -9.49 33.28 9.22
C ASP A 394 -10.86 32.74 9.61
N ALA A 395 -11.05 32.34 10.86
CA ALA A 395 -12.30 31.75 11.29
C ALA A 395 -12.38 31.94 12.78
N ASN A 396 -13.59 32.15 13.30
CA ASN A 396 -13.82 32.03 14.74
C ASN A 396 -13.84 30.60 15.18
N LEU A 397 -13.06 30.27 16.20
CA LEU A 397 -13.13 28.94 16.79
C LEU A 397 -13.67 29.08 18.20
N THR A 398 -14.67 28.28 18.56
CA THR A 398 -15.31 28.31 19.86
C THR A 398 -14.71 27.19 20.65
N TRP A 399 -15.01 27.16 21.94
CA TRP A 399 -14.48 26.08 22.77
C TRP A 399 -14.95 24.71 22.24
N ASP A 400 -16.23 24.60 21.90
CA ASP A 400 -16.77 23.36 21.33
C ASP A 400 -15.96 22.90 20.08
N ASP A 401 -15.59 23.84 19.22
CA ASP A 401 -14.73 23.55 18.04
C ASP A 401 -13.41 22.90 18.43
N ILE A 402 -12.75 23.49 19.45
CA ILE A 402 -11.43 23.04 19.90
C ILE A 402 -11.55 21.68 20.56
N GLU A 403 -12.57 21.54 21.40
CA GLU A 403 -12.80 20.28 22.06
C GLU A 403 -13.04 19.15 21.07
N TYR A 404 -13.86 19.45 20.08
CA TYR A 404 -14.20 18.48 19.04
C TYR A 404 -12.90 18.06 18.29
N PHE A 405 -12.15 19.07 17.87
CA PHE A 405 -10.88 18.82 17.19
C PHE A 405 -9.99 17.86 17.96
N PHE A 406 -9.79 18.09 19.27
CA PHE A 406 -8.89 17.19 19.99
C PHE A 406 -9.49 15.81 20.31
N THR A 407 -10.81 15.71 20.50
CA THR A 407 -11.48 14.40 20.56
C THR A 407 -11.21 13.56 19.30
N VAL A 408 -11.37 14.16 18.13
CA VAL A 408 -11.09 13.42 16.90
C VAL A 408 -9.60 13.03 16.85
N VAL A 409 -8.72 13.98 17.19
CA VAL A 409 -7.30 13.62 17.18
C VAL A 409 -7.05 12.41 18.09
N ARG A 410 -7.66 12.44 19.28
CA ARG A 410 -7.46 11.32 20.21
C ARG A 410 -8.03 10.00 19.69
N GLN A 411 -9.17 10.07 19.01
CA GLN A 411 -9.78 8.87 18.42
C GLN A 411 -8.99 8.29 17.25
N LYS A 412 -8.42 9.18 16.45
CA LYS A 412 -7.85 8.70 15.18
C LYS A 412 -6.32 8.57 15.11
N PHE A 413 -5.60 9.27 15.99
CA PHE A 413 -4.14 9.20 15.99
C PHE A 413 -3.55 8.74 17.33
N PHE A 414 -2.29 8.30 17.28
CA PHE A 414 -1.59 7.71 18.43
C PHE A 414 -2.17 6.35 18.74
N ARG A 415 -1.39 5.62 19.48
CA ARG A 415 -1.63 4.23 19.86
C ARG A 415 -1.80 4.25 21.38
N PRO A 416 -2.59 3.33 21.95
CA PRO A 416 -2.68 3.27 23.40
C PRO A 416 -1.30 3.13 24.05
N GLY A 417 -1.05 3.93 25.08
CA GLY A 417 0.22 3.86 25.78
C GLY A 417 1.10 5.03 25.44
N ALA A 418 0.73 5.81 24.44
CA ALA A 418 1.56 6.94 24.08
C ALA A 418 1.30 8.09 25.00
N ILE A 419 0.02 8.37 25.23
CA ILE A 419 -0.38 9.47 26.09
C ILE A 419 -1.46 8.89 27.02
N SER A 420 -1.21 8.89 28.34
CA SER A 420 -2.21 8.32 29.27
C SER A 420 -3.43 9.20 29.38
N ASP A 421 -4.50 8.66 29.97
CA ASP A 421 -5.71 9.47 30.18
C ASP A 421 -5.40 10.70 31.03
N GLU A 422 -4.55 10.52 32.03
CA GLU A 422 -4.25 11.61 32.94
C GLU A 422 -3.48 12.69 32.23
N GLU A 423 -2.52 12.26 31.41
CA GLU A 423 -1.75 13.19 30.58
C GLU A 423 -2.68 13.92 29.62
N TRP A 424 -3.58 13.18 28.96
CA TRP A 424 -4.51 13.80 28.01
C TRP A 424 -5.41 14.82 28.72
N ASN A 425 -5.90 14.44 29.90
CA ASN A 425 -6.74 15.36 30.69
C ASN A 425 -5.99 16.57 31.12
N ALA A 426 -4.75 16.39 31.58
CA ALA A 426 -3.93 17.55 31.93
C ALA A 426 -3.69 18.47 30.72
N MET A 427 -3.44 17.83 29.57
CA MET A 427 -3.26 18.59 28.33
C MET A 427 -4.51 19.43 28.02
N MET A 428 -5.68 18.81 28.09
CA MET A 428 -6.90 19.51 27.76
C MET A 428 -7.23 20.64 28.76
N ARG A 429 -6.92 20.48 30.07
CA ARG A 429 -7.02 21.64 30.99
C ARG A 429 -6.16 22.83 30.53
N ASP A 430 -4.88 22.56 30.17
CA ASP A 430 -4.03 23.61 29.63
C ASP A 430 -4.57 24.24 28.33
N VAL A 431 -5.07 23.39 27.42
CA VAL A 431 -5.64 23.90 26.17
C VAL A 431 -6.84 24.80 26.44
N LYS A 432 -7.71 24.33 27.33
CA LYS A 432 -8.88 25.17 27.68
C LYS A 432 -8.49 26.49 28.33
N ARG A 433 -7.52 26.41 29.26
CA ARG A 433 -7.03 27.66 29.88
C ARG A 433 -6.44 28.58 28.85
N ALA A 434 -5.65 28.02 27.91
CA ALA A 434 -5.09 28.90 26.88
C ALA A 434 -6.19 29.51 26.00
N TYR A 435 -7.17 28.67 25.63
CA TYR A 435 -8.31 29.19 24.88
C TYR A 435 -8.98 30.41 25.63
N ASP A 436 -9.26 30.18 26.90
CA ASP A 436 -9.91 31.22 27.75
C ASP A 436 -9.09 32.52 27.74
N LEU A 437 -7.77 32.44 27.98
CA LEU A 437 -6.98 33.67 27.96
C LEU A 437 -6.90 34.34 26.62
N LEU A 438 -6.75 33.53 25.59
CA LEU A 438 -6.63 34.12 24.24
C LEU A 438 -7.95 34.66 23.77
N SER A 439 -9.05 34.07 24.24
CA SER A 439 -10.38 34.58 23.78
C SER A 439 -10.65 36.04 24.17
N GLN A 440 -10.01 36.51 25.25
CA GLN A 440 -10.32 37.83 25.83
C GLN A 440 -10.06 38.93 24.81
N HIS A 441 -9.03 38.77 23.99
CA HIS A 441 -8.69 39.78 22.98
C HIS A 441 -9.85 40.02 22.01
N TRP A 442 -10.70 39.02 21.82
CA TRP A 442 -11.72 39.10 20.75
C TRP A 442 -13.10 39.30 21.36
N GLY A 443 -13.18 39.42 22.69
CA GLY A 443 -14.47 39.64 23.34
C GLY A 443 -14.93 38.44 24.12
N GLY A 444 -14.07 37.44 24.22
CA GLY A 444 -14.31 36.28 25.09
C GLY A 444 -15.11 35.10 24.56
N ASP A 445 -15.71 35.25 23.38
CA ASP A 445 -16.61 34.18 22.86
C ASP A 445 -15.96 33.25 21.79
N HIS A 446 -14.70 33.52 21.42
CA HIS A 446 -13.99 32.65 20.45
C HIS A 446 -12.54 33.06 20.43
N ILE A 447 -11.68 32.23 19.79
CA ILE A 447 -10.35 32.67 19.44
C ILE A 447 -10.26 32.71 17.89
N SER A 448 -9.14 33.15 17.37
CA SER A 448 -8.94 33.31 15.95
C SER A 448 -8.12 32.13 15.39
N TYR A 449 -8.58 31.56 14.28
CA TYR A 449 -7.78 30.50 13.62
C TYR A 449 -6.43 31.09 13.20
N ARG A 450 -6.49 32.18 12.45
CA ARG A 450 -5.27 32.80 11.93
C ARG A 450 -4.26 33.19 13.06
N TYR A 451 -4.76 33.85 14.10
CA TYR A 451 -3.86 34.45 15.12
C TYR A 451 -3.55 33.55 16.28
N ASP A 452 -4.52 32.69 16.67
CA ASP A 452 -4.37 31.93 17.90
C ASP A 452 -4.13 30.43 17.76
N PHE A 453 -4.56 29.82 16.65
CA PHE A 453 -4.61 28.36 16.72
C PHE A 453 -3.22 27.67 16.81
N LEU A 454 -2.17 28.25 16.20
CA LEU A 454 -0.86 27.62 16.39
C LEU A 454 -0.42 27.61 17.86
N THR A 455 -0.80 28.67 18.58
CA THR A 455 -0.41 28.73 20.02
C THR A 455 -1.19 27.64 20.81
N ILE A 456 -2.47 27.45 20.45
CA ILE A 456 -3.25 26.36 21.04
C ILE A 456 -2.62 25.01 20.77
N LEU A 457 -2.25 24.78 19.51
CA LEU A 457 -1.52 23.52 19.19
C LEU A 457 -0.22 23.31 20.00
N ARG A 458 0.54 24.39 20.18
CA ARG A 458 1.82 24.29 20.91
C ARG A 458 1.59 23.99 22.37
N VAL A 459 0.54 24.61 22.93
CA VAL A 459 0.17 24.26 24.29
C VAL A 459 -0.18 22.81 24.38
N ALA A 460 -1.01 22.33 23.47
CA ALA A 460 -1.32 20.88 23.50
C ALA A 460 -0.06 20.05 23.36
N MET A 461 0.81 20.44 22.41
CA MET A 461 1.96 19.60 22.10
C MET A 461 3.05 19.55 23.15
N LYS A 462 3.02 20.53 24.06
CA LYS A 462 3.90 20.47 25.25
C LYS A 462 3.65 19.17 25.98
N HIS A 463 2.46 18.61 25.87
CA HIS A 463 2.15 17.36 26.53
C HIS A 463 2.34 16.11 25.67
N TRP A 464 2.80 16.26 24.40
CA TRP A 464 2.96 15.10 23.52
C TRP A 464 4.33 14.43 23.70
N PRO A 465 4.42 13.11 23.46
CA PRO A 465 5.71 12.43 23.56
C PRO A 465 6.78 13.08 22.67
N GLU A 466 8.02 13.10 23.15
CA GLU A 466 9.16 13.64 22.42
C GLU A 466 10.03 12.48 21.94
N PRO A 467 10.67 12.62 20.77
CA PRO A 467 10.50 13.73 19.82
C PRO A 467 9.08 13.67 19.17
N HIS A 468 8.51 14.80 18.76
CA HIS A 468 7.12 14.79 18.29
C HIS A 468 6.95 14.03 16.98
N ILE A 469 7.98 14.04 16.13
CA ILE A 469 7.96 13.26 14.89
C ILE A 469 8.68 11.94 15.09
N PRO A 470 7.94 10.81 15.03
CA PRO A 470 8.54 9.50 15.28
C PRO A 470 9.27 9.01 14.04
N ARG A 471 10.20 8.07 14.17
CA ARG A 471 10.81 7.43 12.99
C ARG A 471 9.81 6.48 12.31
N PRO A 472 9.79 6.47 10.97
CA PRO A 472 9.18 5.35 10.25
C PRO A 472 9.93 4.09 10.65
N THR A 473 9.22 2.97 10.77
CA THR A 473 9.87 1.77 11.29
C THR A 473 9.07 0.51 10.95
N GLY A 474 9.57 -0.67 11.36
CA GLY A 474 8.90 -1.95 11.13
C GLY A 474 9.44 -2.70 9.93
N ASP A 475 8.89 -3.89 9.68
CA ASP A 475 9.50 -4.78 8.67
C ASP A 475 9.44 -4.24 7.28
N ASP A 476 8.25 -3.76 6.86
CA ASP A 476 8.11 -3.24 5.50
C ASP A 476 9.11 -2.05 5.27
N TRP A 477 9.16 -1.13 6.20
CA TRP A 477 10.10 0.02 6.06
C TRP A 477 11.55 -0.47 5.86
N TYR A 478 11.88 -1.43 6.67
CA TYR A 478 13.24 -1.97 6.64
C TYR A 478 13.66 -2.44 5.28
N TYR A 479 12.89 -3.35 4.67
CA TYR A 479 13.30 -3.85 3.36
C TYR A 479 13.17 -2.79 2.30
N HIS A 480 12.15 -1.97 2.41
CA HIS A 480 11.97 -0.99 1.36
C HIS A 480 13.10 0.08 1.38
N ALA A 481 13.35 0.66 2.54
CA ALA A 481 14.37 1.72 2.64
C ALA A 481 15.78 1.16 2.44
N ARG A 482 16.07 -0.07 2.89
CA ARG A 482 17.42 -0.61 2.59
C ARG A 482 17.63 -0.87 1.10
N ASN A 483 16.57 -1.10 0.33
CA ASN A 483 16.70 -1.43 -1.11
C ASN A 483 16.43 -0.26 -2.06
N TYR A 484 16.40 0.97 -1.51
CA TYR A 484 15.94 2.13 -2.27
C TYR A 484 17.19 2.90 -2.72
N ASN A 485 17.34 3.10 -4.03
CA ASN A 485 18.54 3.73 -4.59
C ASN A 485 18.20 4.79 -5.62
N PRO A 486 17.80 5.98 -5.14
CA PRO A 486 17.32 7.05 -6.01
C PRO A 486 18.44 7.91 -6.58
N ALA B 2 -16.97 -24.07 18.80
CA ALA B 2 -17.81 -25.08 19.43
C ALA B 2 -18.87 -24.36 20.19
N TYR B 3 -19.98 -25.04 20.50
CA TYR B 3 -21.00 -24.42 21.37
C TYR B 3 -21.64 -25.48 22.32
N ARG B 4 -22.31 -24.98 23.35
CA ARG B 4 -22.78 -25.87 24.40
C ARG B 4 -24.01 -25.30 25.06
N ILE B 5 -24.99 -26.17 25.34
CA ILE B 5 -26.08 -25.77 26.21
C ILE B 5 -25.54 -25.66 27.63
N VAL B 6 -25.57 -24.47 28.19
CA VAL B 6 -25.09 -24.30 29.55
C VAL B 6 -26.21 -24.77 30.50
N SER B 7 -27.42 -24.32 30.25
CA SER B 7 -28.55 -24.74 31.08
C SER B 7 -29.83 -24.59 30.28
N GLU B 8 -30.82 -25.44 30.58
CA GLU B 8 -32.22 -25.18 30.20
C GLU B 8 -33.04 -25.17 31.49
N THR B 9 -33.63 -24.02 31.79
CA THR B 9 -34.22 -23.80 33.11
C THR B 9 -35.47 -22.96 32.93
N GLY B 10 -36.62 -23.58 33.15
CA GLY B 10 -37.88 -22.94 32.82
C GLY B 10 -37.95 -22.92 31.32
N ASP B 11 -38.47 -21.82 30.77
CA ASP B 11 -38.45 -21.65 29.33
C ASP B 11 -37.15 -20.94 28.85
N LYS B 12 -36.13 -20.88 29.71
CA LYS B 12 -34.88 -20.16 29.37
C LYS B 12 -33.76 -21.11 29.06
N ILE B 13 -33.32 -21.08 27.80
CA ILE B 13 -32.20 -21.85 27.28
C ILE B 13 -30.93 -20.95 27.21
N THR B 14 -29.85 -21.36 27.87
CA THR B 14 -28.61 -20.61 27.83
C THR B 14 -27.53 -21.38 27.07
N VAL B 15 -26.98 -20.76 26.01
CA VAL B 15 -25.96 -21.41 25.19
C VAL B 15 -24.60 -20.63 25.26
N GLU B 16 -23.50 -21.35 25.40
CA GLU B 16 -22.17 -20.74 25.26
C GLU B 16 -21.52 -21.10 23.92
N LEU B 17 -21.17 -20.08 23.16
CA LEU B 17 -20.52 -20.26 21.88
C LEU B 17 -19.08 -19.79 21.99
N THR B 18 -18.15 -20.65 21.61
CA THR B 18 -16.75 -20.30 21.66
C THR B 18 -16.16 -20.19 20.28
N LEU B 19 -15.62 -19.01 19.97
CA LEU B 19 -14.99 -18.75 18.69
C LEU B 19 -13.51 -18.60 18.97
N ALA B 20 -12.68 -19.34 18.25
CA ALA B 20 -11.26 -19.27 18.50
C ALA B 20 -10.40 -19.55 17.28
N ASN B 21 -9.23 -18.93 17.24
CA ASN B 21 -8.18 -19.40 16.39
C ASN B 21 -7.31 -20.19 17.33
N LYS B 22 -7.36 -21.51 17.21
CA LYS B 22 -6.69 -22.38 18.14
C LYS B 22 -5.24 -22.61 17.78
N ASN B 23 -4.83 -22.16 16.60
CA ASN B 23 -3.43 -22.32 16.22
C ASN B 23 -2.57 -21.45 17.11
N THR B 24 -1.41 -21.99 17.48
CA THR B 24 -0.47 -21.29 18.35
C THR B 24 0.81 -20.99 17.55
N HIS B 25 0.94 -21.60 16.38
CA HIS B 25 1.99 -21.27 15.43
C HIS B 25 1.35 -21.19 14.04
N TYR B 26 2.05 -20.57 13.08
CA TYR B 26 1.50 -20.47 11.72
C TYR B 26 1.11 -21.83 11.12
N VAL B 27 -0.05 -21.80 10.45
CA VAL B 27 -0.62 -22.93 9.76
C VAL B 27 -1.31 -22.35 8.51
N TRP B 28 -1.19 -23.04 7.38
CA TRP B 28 -1.76 -22.57 6.12
C TRP B 28 -3.20 -22.17 6.27
N ASN B 29 -3.50 -20.92 5.88
CA ASN B 29 -4.87 -20.39 5.91
C ASN B 29 -5.44 -20.21 7.30
N GLY B 30 -4.62 -20.41 8.32
CA GLY B 30 -5.06 -20.27 9.70
C GLY B 30 -4.24 -19.29 10.52
N TRP B 31 -3.46 -18.44 9.83
CA TRP B 31 -2.71 -17.41 10.54
C TRP B 31 -3.64 -16.36 11.19
N CYS B 32 -4.71 -16.01 10.51
CA CYS B 32 -5.67 -15.11 11.10
C CYS B 32 -7.00 -15.45 10.44
N PHE B 33 -8.07 -15.29 11.20
CA PHE B 33 -9.43 -15.44 10.69
C PHE B 33 -10.15 -14.14 10.86
N ASP B 34 -10.71 -13.65 9.78
CA ASP B 34 -11.46 -12.42 9.78
C ASP B 34 -12.94 -12.80 9.57
N ILE B 35 -13.72 -12.54 10.60
CA ILE B 35 -15.15 -12.97 10.62
C ILE B 35 -16.05 -11.88 10.28
N LYS B 36 -16.76 -12.01 9.15
CA LYS B 36 -17.74 -11.01 8.82
C LYS B 36 -18.96 -11.04 9.80
N ASN B 37 -19.50 -12.25 9.99
CA ASN B 37 -20.55 -12.45 11.00
C ASN B 37 -20.69 -13.95 11.31
N ILE B 38 -21.51 -14.28 12.30
CA ILE B 38 -21.81 -15.69 12.67
C ILE B 38 -23.33 -15.78 12.60
N THR B 39 -23.88 -16.79 11.91
CA THR B 39 -25.34 -16.95 11.88
C THR B 39 -25.73 -18.25 12.62
N PHE B 40 -26.96 -18.28 13.14
CA PHE B 40 -27.51 -19.53 13.64
C PHE B 40 -29.02 -19.40 13.54
N GLU B 41 -29.71 -20.53 13.74
CA GLU B 41 -31.16 -20.54 13.61
C GLU B 41 -31.83 -20.92 14.95
N THR B 42 -32.98 -20.32 15.22
CA THR B 42 -33.80 -20.70 16.38
C THR B 42 -35.24 -20.26 16.14
N THR B 43 -36.19 -21.09 16.57
CA THR B 43 -37.61 -20.71 16.54
C THR B 43 -37.97 -19.97 17.83
N GLY B 44 -37.06 -20.02 18.81
CA GLY B 44 -37.21 -19.33 20.07
C GLY B 44 -37.08 -17.82 19.94
N LYS B 45 -37.18 -17.12 21.06
CA LYS B 45 -37.04 -15.65 21.10
C LYS B 45 -35.68 -15.32 21.70
N VAL B 46 -34.90 -14.48 21.02
CA VAL B 46 -33.58 -14.18 21.57
C VAL B 46 -33.76 -13.21 22.74
N LEU B 47 -33.22 -13.55 23.90
CA LEU B 47 -33.33 -12.65 25.04
C LEU B 47 -32.12 -11.75 25.12
N SER B 48 -30.94 -12.33 24.92
CA SER B 48 -29.70 -11.57 25.02
C SER B 48 -28.55 -12.29 24.31
N ILE B 49 -27.60 -11.52 23.80
CA ILE B 49 -26.35 -12.12 23.29
C ILE B 49 -25.26 -11.23 23.81
N LYS B 50 -24.41 -11.79 24.66
CA LYS B 50 -23.38 -11.00 25.32
C LYS B 50 -22.05 -11.73 25.30
N TYR B 51 -20.95 -10.97 25.47
CA TYR B 51 -19.65 -11.62 25.60
C TYR B 51 -19.46 -12.07 27.02
N ALA B 52 -18.79 -13.19 27.21
CA ALA B 52 -18.59 -13.73 28.54
C ALA B 52 -17.70 -12.82 29.40
N ASP B 53 -16.76 -12.12 28.77
CA ASP B 53 -15.87 -11.20 29.50
C ASP B 53 -16.33 -9.75 29.48
N GLY B 54 -17.60 -9.50 29.17
CA GLY B 54 -18.15 -8.16 29.29
C GLY B 54 -18.42 -7.50 27.96
N GLY B 55 -19.39 -6.59 27.93
CA GLY B 55 -19.83 -5.98 26.68
C GLY B 55 -20.61 -6.94 25.81
N GLU B 56 -21.08 -6.47 24.67
CA GLU B 56 -21.82 -7.35 23.80
C GLU B 56 -21.65 -7.05 22.32
N PRO B 57 -21.86 -8.06 21.45
CA PRO B 57 -21.81 -7.78 20.01
C PRO B 57 -23.11 -7.17 19.50
N VAL B 58 -23.18 -6.93 18.21
CA VAL B 58 -24.39 -6.50 17.51
C VAL B 58 -25.08 -7.77 16.97
N TYR B 59 -26.41 -7.82 16.99
CA TYR B 59 -27.07 -8.95 16.34
C TYR B 59 -28.38 -8.50 15.80
N ASN B 60 -28.85 -9.18 14.78
CA ASN B 60 -30.15 -8.86 14.28
C ASN B 60 -30.87 -10.20 14.07
N VAL B 61 -32.21 -10.17 14.15
CA VAL B 61 -33.02 -11.37 13.95
C VAL B 61 -33.87 -11.17 12.71
N ASN B 62 -33.85 -12.14 11.83
CA ASN B 62 -34.68 -12.07 10.65
C ASN B 62 -35.46 -13.39 10.53
N GLY B 63 -36.68 -13.45 11.08
CA GLY B 63 -37.38 -14.72 11.12
C GLY B 63 -36.70 -15.73 12.06
N ASN B 64 -36.38 -16.92 11.57
CA ASN B 64 -35.59 -17.84 12.43
C ASN B 64 -34.05 -17.62 12.39
N LEU B 65 -33.59 -16.65 11.61
CA LEU B 65 -32.11 -16.47 11.39
C LEU B 65 -31.55 -15.37 12.25
N VAL B 66 -30.57 -15.71 13.07
CA VAL B 66 -29.92 -14.72 13.93
C VAL B 66 -28.49 -14.47 13.35
N THR B 67 -28.11 -13.20 13.20
CA THR B 67 -26.81 -12.82 12.63
C THR B 67 -26.05 -12.01 13.68
N ILE B 68 -24.97 -12.56 14.21
CA ILE B 68 -24.14 -11.92 15.21
C ILE B 68 -22.94 -11.19 14.50
N ASP B 69 -22.78 -9.90 14.75
CA ASP B 69 -21.69 -9.09 14.18
C ASP B 69 -20.72 -8.76 15.30
N LEU B 70 -19.48 -9.25 15.20
CA LEU B 70 -18.51 -9.07 16.25
C LEU B 70 -17.88 -7.65 16.26
N THR B 71 -18.20 -6.84 15.25
CA THR B 71 -17.70 -5.47 15.03
C THR B 71 -16.18 -5.38 15.31
N TRP B 72 -15.77 -4.69 16.36
CA TRP B 72 -14.34 -4.52 16.64
C TRP B 72 -13.63 -5.80 17.06
N ARG B 73 -14.38 -6.85 17.45
CA ARG B 73 -13.74 -8.15 17.84
C ARG B 73 -13.74 -9.24 16.77
N GLY B 74 -13.95 -8.89 15.51
CA GLY B 74 -14.00 -9.93 14.49
C GLY B 74 -12.69 -10.49 13.97
N ILE B 75 -11.57 -10.01 14.49
CA ILE B 75 -10.26 -10.47 13.99
C ILE B 75 -9.62 -11.49 14.91
N PHE B 76 -9.26 -12.65 14.37
CA PHE B 76 -8.74 -13.73 15.22
C PHE B 76 -7.32 -14.15 14.84
N HIS B 77 -6.33 -13.53 15.48
CA HIS B 77 -4.91 -13.87 15.29
C HIS B 77 -4.64 -15.18 16.03
N LEU B 78 -3.44 -15.74 15.88
CA LEU B 78 -3.05 -16.97 16.57
C LEU B 78 -3.45 -16.90 18.03
N ASN B 79 -3.98 -18.02 18.55
CA ASN B 79 -4.27 -18.16 19.99
C ASN B 79 -5.21 -17.09 20.57
N THR B 80 -6.30 -16.81 19.83
CA THR B 80 -7.27 -15.84 20.24
C THR B 80 -8.63 -16.54 20.46
N THR B 81 -9.32 -16.20 21.53
CA THR B 81 -10.62 -16.84 21.83
C THR B 81 -11.62 -15.81 22.21
N VAL B 82 -12.85 -15.94 21.71
CA VAL B 82 -13.92 -15.08 22.14
C VAL B 82 -15.11 -15.98 22.52
N LYS B 83 -15.73 -15.69 23.65
CA LYS B 83 -16.85 -16.47 24.20
C LYS B 83 -18.11 -15.63 24.32
N ILE B 84 -19.20 -16.19 23.82
CA ILE B 84 -20.42 -15.44 23.67
C ILE B 84 -21.54 -16.23 24.43
N ILE B 85 -22.32 -15.55 25.25
CA ILE B 85 -23.43 -16.19 25.96
C ILE B 85 -24.72 -15.81 25.30
N ILE B 86 -25.46 -16.80 24.82
CA ILE B 86 -26.76 -16.58 24.14
C ILE B 86 -27.91 -17.11 25.04
N GLU B 87 -28.91 -16.27 25.31
CA GLU B 87 -30.08 -16.67 26.08
C GLU B 87 -31.31 -16.67 25.20
N ILE B 88 -32.01 -17.82 25.16
CA ILE B 88 -33.18 -18.00 24.31
C ILE B 88 -34.44 -18.29 25.15
N GLN B 89 -35.55 -17.70 24.78
CA GLN B 89 -36.82 -18.09 25.38
C GLN B 89 -37.42 -19.20 24.51
N LYS B 90 -37.55 -20.39 25.07
CA LYS B 90 -37.93 -21.56 24.29
C LYS B 90 -39.30 -21.37 23.62
N SER B 91 -39.38 -21.70 22.36
CA SER B 91 -40.60 -21.58 21.61
C SER B 91 -40.47 -22.22 20.22
N GLY B 92 -41.59 -22.71 19.71
CA GLY B 92 -41.62 -23.33 18.40
C GLY B 92 -40.98 -24.70 18.43
N ASP B 93 -40.87 -25.31 17.25
CA ASP B 93 -40.40 -26.70 17.13
C ASP B 93 -38.88 -26.88 16.97
N ASN B 94 -38.10 -25.79 16.89
CA ASN B 94 -36.64 -25.97 16.85
C ASN B 94 -35.98 -24.82 17.59
N PRO B 95 -36.16 -24.77 18.90
CA PRO B 95 -35.72 -23.60 19.67
C PRO B 95 -34.21 -23.57 19.99
N TYR B 96 -33.53 -24.70 20.00
CA TYR B 96 -32.12 -24.70 20.40
C TYR B 96 -31.29 -24.13 19.24
N PRO B 97 -30.42 -23.15 19.53
CA PRO B 97 -29.54 -22.57 18.47
C PRO B 97 -28.90 -23.67 17.69
N HIS B 98 -29.10 -23.64 16.39
CA HIS B 98 -28.55 -24.70 15.56
C HIS B 98 -28.10 -24.13 14.21
N ASN B 99 -27.43 -24.97 13.43
CA ASN B 99 -26.89 -24.55 12.14
C ASN B 99 -25.99 -23.29 12.27
N PHE B 100 -25.15 -23.30 13.28
CA PHE B 100 -24.16 -22.28 13.46
C PHE B 100 -23.26 -22.23 12.22
N LYS B 101 -23.03 -21.04 11.67
CA LYS B 101 -22.09 -20.86 10.56
C LYS B 101 -21.23 -19.61 10.79
N ILE B 102 -19.94 -19.82 10.75
CA ILE B 102 -18.98 -18.69 10.72
C ILE B 102 -18.86 -18.22 9.27
N HIS B 103 -19.15 -16.95 9.02
CA HIS B 103 -18.98 -16.41 7.67
C HIS B 103 -17.68 -15.57 7.66
N TYR B 104 -16.67 -16.03 6.98
CA TYR B 104 -15.42 -15.25 6.84
C TYR B 104 -15.66 -14.03 5.99
N LEU B 105 -14.79 -13.02 6.15
CA LEU B 105 -14.83 -11.83 5.30
C LEU B 105 -14.21 -12.14 3.95
N ARG B 106 -14.99 -12.80 3.12
CA ARG B 106 -14.51 -13.43 1.91
C ARG B 106 -15.76 -13.97 1.19
N GLY B 107 -15.90 -13.73 -0.11
CA GLY B 107 -17.07 -14.15 -0.87
C GLY B 107 -17.15 -15.65 -0.90
N GLU B 108 -18.19 -16.26 -0.33
CA GLU B 108 -18.30 -17.72 -0.34
C GLU B 108 -18.59 -18.27 -1.73
N SER B 109 -19.12 -17.46 -2.63
CA SER B 109 -19.45 -17.98 -3.95
C SER B 109 -18.43 -17.62 -5.01
N ILE B 110 -17.21 -17.28 -4.57
CA ILE B 110 -16.24 -16.86 -5.58
C ILE B 110 -15.92 -17.99 -6.57
N ILE B 111 -15.92 -17.65 -7.85
CA ILE B 111 -15.62 -18.66 -8.85
C ILE B 111 -14.14 -18.72 -9.26
N TYR B 112 -13.51 -19.85 -8.96
CA TYR B 112 -12.18 -20.22 -9.45
C TYR B 112 -12.28 -21.45 -10.37
N PRO B 113 -12.31 -21.23 -11.67
CA PRO B 113 -12.50 -22.33 -12.64
C PRO B 113 -11.41 -23.40 -12.57
N THR B 114 -11.82 -24.62 -12.91
CA THR B 114 -10.87 -25.74 -12.97
C THR B 114 -10.33 -25.75 -14.38
N ILE B 115 -9.02 -25.59 -14.56
CA ILE B 115 -8.52 -25.56 -15.93
C ILE B 115 -8.43 -26.99 -16.46
N GLY B 116 -7.84 -27.85 -15.64
CA GLY B 116 -7.72 -29.28 -15.92
C GLY B 116 -7.25 -29.97 -14.66
N GLU B 117 -7.28 -31.31 -14.66
CA GLU B 117 -6.84 -32.06 -13.50
C GLU B 117 -6.02 -33.28 -13.91
N LEU B 118 -5.19 -33.75 -13.00
CA LEU B 118 -4.40 -34.94 -13.31
C LEU B 118 -5.41 -36.11 -13.30
N PRO B 119 -5.18 -37.16 -14.14
CA PRO B 119 -6.01 -38.38 -14.05
C PRO B 119 -6.24 -38.86 -12.61
N ALA B 120 -7.42 -39.39 -12.29
CA ALA B 120 -7.70 -39.82 -10.89
C ALA B 120 -6.75 -40.91 -10.38
N SER B 121 -6.17 -41.69 -11.31
CA SER B 121 -5.17 -42.70 -10.94
C SER B 121 -3.87 -42.13 -10.39
N TRP B 122 -3.61 -40.84 -10.62
CA TRP B 122 -2.30 -40.31 -10.23
C TRP B 122 -2.12 -40.36 -8.71
N LYS B 123 -0.94 -40.82 -8.26
CA LYS B 123 -0.56 -40.80 -6.87
C LYS B 123 0.91 -40.52 -6.83
N PRO B 124 1.44 -39.97 -5.71
CA PRO B 124 2.88 -39.73 -5.52
C PRO B 124 3.69 -41.00 -5.70
N GLY B 125 5.01 -40.87 -5.91
CA GLY B 125 5.85 -42.05 -6.05
C GLY B 125 5.89 -42.59 -7.47
N ASN B 126 5.70 -43.90 -7.62
CA ASN B 126 5.95 -44.49 -8.93
C ASN B 126 4.76 -44.41 -9.85
N PHE B 127 4.27 -43.19 -10.10
CA PHE B 127 3.19 -43.00 -11.07
C PHE B 127 3.75 -43.22 -12.47
N THR B 128 2.85 -43.46 -13.41
CA THR B 128 3.18 -43.75 -14.78
C THR B 128 2.75 -42.66 -15.74
N LEU B 129 3.13 -42.79 -17.00
CA LEU B 129 2.64 -41.84 -17.99
C LEU B 129 1.13 -41.72 -18.07
N SER B 130 0.38 -42.83 -18.13
CA SER B 130 -1.07 -42.74 -18.18
C SER B 130 -1.64 -42.11 -16.90
N ASP B 131 -0.88 -42.11 -15.81
CA ASP B 131 -1.28 -41.37 -14.62
C ASP B 131 -1.13 -39.84 -14.83
N LEU B 132 -0.46 -39.43 -15.91
CA LEU B 132 -0.23 -38.01 -16.19
C LEU B 132 -1.12 -37.57 -17.32
N ILE B 133 -1.18 -38.37 -18.37
CA ILE B 133 -1.90 -37.96 -19.56
C ILE B 133 -3.18 -38.80 -19.77
N ALA B 134 -4.34 -38.20 -19.52
CA ALA B 134 -5.59 -38.91 -19.67
C ALA B 134 -5.94 -39.17 -21.15
N ASP B 135 -5.44 -38.35 -22.06
CA ASP B 135 -5.92 -38.40 -23.44
C ASP B 135 -4.87 -37.91 -24.40
N PRO B 136 -3.89 -38.78 -24.71
CA PRO B 136 -2.76 -38.41 -25.55
C PRO B 136 -3.15 -37.66 -26.80
N LYS B 137 -4.26 -38.00 -27.43
CA LYS B 137 -4.55 -37.43 -28.72
C LYS B 137 -4.90 -35.94 -28.56
N SER B 138 -5.58 -35.60 -27.48
CA SER B 138 -5.95 -34.19 -27.33
C SER B 138 -4.77 -33.43 -26.72
N TYR B 139 -4.03 -34.11 -25.84
CA TYR B 139 -2.90 -33.54 -25.15
C TYR B 139 -1.90 -32.99 -26.13
N TYR B 140 -1.57 -33.75 -27.19
CA TYR B 140 -0.54 -33.28 -28.15
C TYR B 140 -1.18 -32.65 -29.38
N ASP B 141 -2.48 -32.45 -29.37
CA ASP B 141 -3.09 -31.85 -30.54
C ASP B 141 -2.69 -30.37 -30.70
N PRO B 142 -2.19 -30.00 -31.88
CA PRO B 142 -1.69 -28.62 -32.09
C PRO B 142 -2.75 -27.69 -32.54
N HIS B 143 -3.95 -28.19 -32.82
CA HIS B 143 -4.99 -27.33 -33.31
C HIS B 143 -5.41 -26.34 -32.20
N VAL B 144 -5.53 -25.08 -32.56
CA VAL B 144 -5.85 -24.06 -31.58
C VAL B 144 -7.31 -23.65 -31.73
N LYS B 145 -8.05 -23.72 -30.63
CA LYS B 145 -9.41 -23.17 -30.56
C LYS B 145 -9.47 -21.71 -30.02
N PRO B 146 -9.84 -20.75 -30.85
CA PRO B 146 -9.90 -19.37 -30.32
C PRO B 146 -10.94 -19.21 -29.22
N HIS B 147 -10.71 -18.24 -28.35
CA HIS B 147 -11.59 -18.04 -27.23
C HIS B 147 -11.68 -16.53 -26.95
N GLN B 148 -12.44 -16.15 -25.92
CA GLN B 148 -12.60 -14.74 -25.57
C GLN B 148 -12.59 -14.54 -24.06
N ASN B 149 -11.74 -15.29 -23.36
CA ASN B 149 -11.62 -15.06 -21.92
C ASN B 149 -10.91 -13.74 -21.63
N GLY B 150 -11.32 -13.03 -20.59
CA GLY B 150 -10.63 -11.79 -20.30
C GLY B 150 -9.69 -12.10 -19.16
N PHE B 151 -9.94 -11.50 -17.99
CA PHE B 151 -9.07 -11.66 -16.82
C PHE B 151 -9.05 -13.09 -16.28
N ILE B 152 -10.22 -13.66 -16.01
CA ILE B 152 -10.33 -15.00 -15.45
C ILE B 152 -10.63 -16.03 -16.60
N MET B 153 -9.98 -17.19 -16.54
CA MET B 153 -10.11 -18.20 -17.60
C MET B 153 -11.32 -19.11 -17.28
N TYR B 154 -12.52 -18.57 -17.46
CA TYR B 154 -13.75 -19.38 -17.20
C TYR B 154 -13.90 -20.57 -18.16
N ASN B 155 -13.50 -20.35 -19.40
CA ASN B 155 -13.64 -21.33 -20.49
C ASN B 155 -12.33 -21.56 -21.21
N PRO B 156 -11.42 -22.30 -20.58
CA PRO B 156 -10.06 -22.45 -21.12
C PRO B 156 -10.10 -23.16 -22.45
N PRO B 157 -9.28 -22.71 -23.38
CA PRO B 157 -9.41 -23.28 -24.72
C PRO B 157 -8.82 -24.71 -24.76
N HIS B 158 -8.16 -25.15 -23.70
CA HIS B 158 -7.54 -26.49 -23.64
C HIS B 158 -7.24 -26.80 -22.21
N PRO B 159 -7.39 -28.06 -21.82
CA PRO B 159 -7.18 -28.33 -20.39
C PRO B 159 -5.74 -28.56 -19.99
N THR B 160 -4.84 -28.84 -20.93
CA THR B 160 -3.49 -29.15 -20.50
C THR B 160 -2.46 -28.32 -21.25
N GLN B 161 -2.86 -27.74 -22.37
CA GLN B 161 -1.97 -26.83 -23.09
C GLN B 161 -2.09 -25.36 -22.62
N ILE B 162 -0.97 -24.65 -22.56
CA ILE B 162 -0.96 -23.19 -22.32
C ILE B 162 -0.90 -22.49 -23.64
N ILE B 163 -1.87 -21.63 -23.93
CA ILE B 163 -1.90 -20.97 -25.21
C ILE B 163 -1.73 -19.43 -25.08
N ILE B 164 -0.50 -18.96 -25.23
CA ILE B 164 -0.25 -17.54 -25.27
C ILE B 164 -0.18 -17.18 -26.74
N GLY B 165 -1.07 -16.30 -27.18
CA GLY B 165 -1.14 -15.99 -28.60
C GLY B 165 -0.28 -14.78 -28.90
N LEU B 166 0.79 -15.02 -29.65
CA LEU B 166 1.72 -13.96 -29.99
C LEU B 166 1.20 -13.22 -31.22
N ALA B 167 0.07 -12.54 -31.03
CA ALA B 167 -0.60 -11.81 -32.10
C ALA B 167 0.12 -10.53 -32.50
N ASP B 168 0.00 -10.18 -33.78
CA ASP B 168 0.32 -8.85 -34.24
C ASP B 168 -0.78 -7.91 -33.74
N ILE B 169 -0.39 -6.75 -33.23
N ILE B 169 -0.45 -6.69 -33.32
CA ILE B 169 -1.33 -5.76 -32.70
CA ILE B 169 -1.45 -5.79 -32.71
C ILE B 169 -1.33 -4.67 -33.73
C ILE B 169 -1.57 -4.54 -33.58
N ASP B 170 -2.29 -4.75 -34.65
N ASP B 170 -2.79 -4.25 -34.02
CA ASP B 170 -2.28 -3.90 -35.82
CA ASP B 170 -3.07 -3.05 -34.83
C ASP B 170 -3.11 -2.67 -35.55
C ASP B 170 -3.63 -1.90 -33.99
N TYR B 171 -2.94 -2.16 -34.34
N TYR B 171 -4.10 -2.22 -32.80
CA TYR B 171 -3.59 -0.94 -33.87
CA TYR B 171 -4.51 -1.20 -31.83
C TYR B 171 -2.69 -0.22 -32.83
C TYR B 171 -3.29 -0.35 -31.53
N PRO B 172 -3.04 1.01 -32.43
N PRO B 172 -3.44 0.98 -31.43
CA PRO B 172 -2.13 1.66 -31.48
CA PRO B 172 -2.31 1.90 -31.25
C PRO B 172 -2.12 1.06 -30.03
C PRO B 172 -1.74 1.86 -29.83
N LEU B 173 -0.89 0.87 -29.57
CA LEU B 173 -0.51 0.51 -28.22
C LEU B 173 0.42 1.63 -27.79
N ASN B 174 0.07 2.32 -26.69
CA ASN B 174 0.92 3.40 -26.18
C ASN B 174 1.34 4.42 -27.24
N LEU B 175 0.44 4.66 -28.18
CA LEU B 175 0.63 5.59 -29.32
C LEU B 175 1.55 5.07 -30.43
N ALA B 176 1.96 3.79 -30.39
CA ALA B 176 2.78 3.26 -31.48
C ALA B 176 1.84 2.89 -32.58
N SER B 177 2.29 2.94 -33.83
CA SER B 177 1.36 2.58 -34.90
C SER B 177 1.02 1.08 -34.91
N SER B 178 1.88 0.23 -34.36
CA SER B 178 1.51 -1.22 -34.27
C SER B 178 2.49 -1.91 -33.34
N ALA B 179 2.22 -3.17 -33.02
CA ALA B 179 3.16 -3.88 -32.17
C ALA B 179 3.04 -5.37 -32.40
N ARG B 180 3.90 -6.12 -31.72
CA ARG B 180 3.90 -7.57 -31.77
C ARG B 180 4.08 -8.08 -30.38
N MET B 181 3.20 -8.97 -29.94
CA MET B 181 3.37 -9.55 -28.59
C MET B 181 4.56 -10.51 -28.56
N TRP B 182 5.27 -10.52 -27.43
N TRP B 182 5.34 -10.47 -27.48
CA TRP B 182 6.53 -11.26 -27.33
CA TRP B 182 6.50 -11.36 -27.39
C TRP B 182 6.75 -11.65 -25.89
C TRP B 182 6.78 -11.65 -25.94
N VAL B 183 7.10 -12.90 -25.66
CA VAL B 183 7.43 -13.36 -24.32
C VAL B 183 8.94 -13.15 -24.16
N PRO B 184 9.35 -12.32 -23.18
CA PRO B 184 10.81 -12.04 -23.17
C PRO B 184 11.71 -13.23 -22.86
N ASN B 185 11.28 -14.16 -22.02
CA ASN B 185 12.13 -15.35 -21.80
C ASN B 185 11.27 -16.42 -21.19
N LYS B 186 11.81 -17.64 -21.06
CA LYS B 186 10.98 -18.78 -20.66
C LYS B 186 10.73 -18.77 -19.18
N TYR B 187 11.52 -18.02 -18.39
CA TYR B 187 11.30 -18.00 -16.94
C TYR B 187 10.05 -17.16 -16.64
N PHE B 188 9.94 -16.04 -17.35
CA PHE B 188 8.71 -15.24 -17.32
C PHE B 188 7.52 -16.09 -17.74
N ALA B 189 7.70 -16.87 -18.82
CA ALA B 189 6.58 -17.79 -19.28
C ALA B 189 6.14 -18.72 -18.20
N MET B 190 7.12 -19.32 -17.47
CA MET B 190 6.74 -20.21 -16.40
C MET B 190 6.05 -19.46 -15.24
N GLY B 191 6.45 -18.21 -14.98
CA GLY B 191 5.72 -17.44 -13.95
C GLY B 191 4.26 -17.19 -14.41
N LEU B 192 4.06 -16.83 -15.66
CA LEU B 192 2.70 -16.67 -16.18
C LEU B 192 1.89 -17.95 -16.00
N ALA B 193 2.53 -19.08 -16.27
CA ALA B 193 1.84 -20.38 -16.17
C ALA B 193 1.42 -20.67 -14.76
N LEU B 194 2.25 -20.31 -13.79
CA LEU B 194 1.89 -20.52 -12.42
C LEU B 194 0.76 -19.54 -12.04
N ALA B 195 0.80 -18.31 -12.54
CA ALA B 195 -0.31 -17.37 -12.27
C ALA B 195 -1.65 -17.95 -12.80
N TYR B 196 -1.56 -18.56 -13.98
CA TYR B 196 -2.69 -19.19 -14.63
C TYR B 196 -3.22 -20.38 -13.80
N GLU B 197 -2.36 -21.33 -13.48
CA GLU B 197 -2.86 -22.53 -12.79
C GLU B 197 -3.27 -22.24 -11.34
N TRP B 198 -2.56 -21.32 -10.69
CA TRP B 198 -2.81 -21.05 -9.30
C TRP B 198 -4.03 -20.15 -9.16
N PHE B 199 -4.06 -19.03 -9.87
CA PHE B 199 -5.13 -18.01 -9.63
C PHE B 199 -6.13 -17.90 -10.77
N LYS B 200 -6.01 -18.79 -11.76
CA LYS B 200 -6.95 -18.88 -12.88
C LYS B 200 -6.93 -17.64 -13.77
N VAL B 201 -5.77 -16.97 -13.79
CA VAL B 201 -5.64 -15.79 -14.59
C VAL B 201 -5.14 -16.08 -15.98
N ASN B 202 -5.87 -15.58 -16.98
CA ASN B 202 -5.51 -15.74 -18.39
C ASN B 202 -4.13 -15.12 -18.71
N PRO B 203 -3.18 -15.90 -19.23
CA PRO B 203 -1.85 -15.39 -19.56
C PRO B 203 -1.90 -14.26 -20.56
N ASN B 204 -2.86 -14.28 -21.48
CA ASN B 204 -2.96 -13.19 -22.43
C ASN B 204 -3.32 -11.87 -21.74
N PHE B 205 -4.08 -11.95 -20.66
CA PHE B 205 -4.49 -10.73 -19.97
C PHE B 205 -3.21 -10.12 -19.30
N LEU B 206 -2.42 -10.96 -18.63
CA LEU B 206 -1.15 -10.42 -18.04
C LEU B 206 -0.19 -9.91 -19.10
N MET B 207 -0.11 -10.60 -20.24
CA MET B 207 0.68 -10.09 -21.39
C MET B 207 0.22 -8.71 -21.83
N ALA B 208 -1.11 -8.55 -22.00
CA ALA B 208 -1.69 -7.26 -22.43
C ALA B 208 -1.37 -6.18 -21.38
N LEU B 209 -1.53 -6.55 -20.12
CA LEU B 209 -1.38 -5.58 -19.02
C LEU B 209 0.08 -5.06 -19.01
N ALA B 210 1.04 -5.98 -19.11
CA ALA B 210 2.47 -5.57 -19.06
C ALA B 210 2.80 -4.71 -20.28
N ALA B 211 2.16 -5.01 -21.40
CA ALA B 211 2.46 -4.24 -22.61
C ALA B 211 1.99 -2.81 -22.44
N LYS B 212 0.79 -2.64 -21.94
CA LYS B 212 0.26 -1.27 -21.71
C LYS B 212 1.10 -0.57 -20.62
N GLU B 213 1.41 -1.28 -19.53
CA GLU B 213 2.06 -0.64 -18.39
C GLU B 213 3.51 -0.18 -18.72
N ASN B 214 4.29 -1.02 -19.41
CA ASN B 214 5.71 -0.66 -19.59
C ASN B 214 6.32 -1.41 -20.78
N TRP B 215 5.51 -1.66 -21.81
CA TRP B 215 5.99 -2.39 -22.98
C TRP B 215 6.70 -3.70 -22.61
N GLY B 216 6.25 -4.38 -21.55
CA GLY B 216 7.08 -5.42 -20.99
C GLY B 216 7.11 -6.65 -21.94
N THR B 217 6.07 -6.77 -22.76
CA THR B 217 5.71 -8.01 -23.49
C THR B 217 5.32 -7.73 -24.94
N ALA B 218 5.76 -6.60 -25.45
CA ALA B 218 5.51 -6.24 -26.85
C ALA B 218 6.70 -5.48 -27.40
N VAL B 219 6.88 -5.65 -28.69
CA VAL B 219 7.92 -4.95 -29.41
C VAL B 219 7.25 -4.27 -30.57
N THR B 220 7.97 -3.42 -31.29
CA THR B 220 7.35 -2.64 -32.34
C THR B 220 8.32 -2.27 -33.44
N LYS B 221 7.81 -2.22 -34.66
CA LYS B 221 8.54 -1.70 -35.83
C LYS B 221 8.55 -0.19 -35.84
N ASP B 222 7.67 0.44 -35.08
CA ASP B 222 7.55 1.90 -35.13
C ASP B 222 8.83 2.57 -34.66
N PRO B 223 9.46 3.36 -35.54
CA PRO B 223 10.77 3.97 -35.28
C PRO B 223 10.67 5.05 -34.18
N ALA B 224 9.55 5.78 -34.17
CA ALA B 224 9.30 6.81 -33.18
C ALA B 224 9.65 6.34 -31.78
N PHE B 225 9.67 5.03 -31.62
CA PHE B 225 9.79 4.42 -30.32
C PHE B 225 11.13 3.73 -30.13
N LYS B 226 12.16 4.49 -29.74
CA LYS B 226 13.45 3.88 -29.45
C LYS B 226 13.25 2.83 -28.36
N GLY B 227 14.22 1.97 -28.18
CA GLY B 227 14.11 0.90 -27.20
C GLY B 227 15.21 -0.10 -27.49
N TYR B 228 15.28 -1.19 -26.72
CA TYR B 228 16.33 -2.17 -26.98
C TYR B 228 16.06 -2.85 -28.30
N LYS B 229 17.13 -3.18 -29.04
CA LYS B 229 16.98 -3.89 -30.30
C LYS B 229 16.71 -5.36 -30.04
N VAL B 230 15.63 -5.89 -30.61
CA VAL B 230 15.23 -7.28 -30.35
C VAL B 230 15.05 -7.93 -31.68
N ILE B 231 15.72 -9.05 -31.88
CA ILE B 231 15.59 -9.81 -33.11
C ILE B 231 14.81 -11.09 -32.84
N ILE B 232 13.74 -11.30 -33.59
CA ILE B 232 12.98 -12.53 -33.51
C ILE B 232 13.02 -13.19 -34.88
N ASP B 233 13.65 -14.35 -34.96
CA ASP B 233 13.75 -15.04 -36.24
C ASP B 233 14.34 -14.06 -37.26
N GLU B 234 13.65 -13.81 -38.35
CA GLU B 234 14.18 -12.93 -39.38
C GLU B 234 13.92 -11.43 -39.15
N GLU B 235 13.25 -11.08 -38.07
CA GLU B 235 12.73 -9.72 -37.90
C GLU B 235 13.30 -8.91 -36.74
N GLU B 236 13.64 -7.66 -37.02
CA GLU B 236 14.12 -6.76 -36.01
C GLU B 236 13.04 -5.77 -35.50
N TYR B 237 13.03 -5.51 -34.19
CA TYR B 237 12.05 -4.64 -33.54
C TYR B 237 12.72 -3.78 -32.50
N TYR B 238 12.00 -2.76 -32.02
CA TYR B 238 12.38 -1.98 -30.83
C TYR B 238 11.52 -2.49 -29.66
N TRP B 239 12.15 -2.59 -28.50
CA TRP B 239 11.50 -2.99 -27.27
C TRP B 239 11.54 -1.79 -26.36
N PRO B 240 10.46 -0.98 -26.35
CA PRO B 240 10.52 0.30 -25.61
C PRO B 240 10.28 0.19 -24.12
N VAL B 241 10.68 -0.92 -23.52
CA VAL B 241 10.50 -1.15 -22.10
C VAL B 241 11.50 -0.27 -21.31
N GLN B 242 11.06 0.29 -20.18
CA GLN B 242 12.04 0.84 -19.19
C GLN B 242 12.44 -0.30 -18.26
N ILE B 243 13.53 -1.00 -18.63
CA ILE B 243 13.76 -2.32 -18.05
C ILE B 243 14.27 -2.24 -16.61
N ASP B 244 14.85 -1.11 -16.25
CA ASP B 244 15.32 -0.95 -14.89
C ASP B 244 14.30 -0.24 -13.99
N HIS B 245 13.07 -0.03 -14.47
CA HIS B 245 12.08 0.59 -13.57
C HIS B 245 11.85 -0.25 -12.32
N PRO B 246 11.91 0.35 -11.11
CA PRO B 246 11.75 -0.38 -9.86
C PRO B 246 10.39 -1.08 -9.77
N ASP B 247 9.41 -0.53 -10.46
CA ASP B 247 8.02 -1.09 -10.39
C ASP B 247 7.78 -2.19 -11.45
N GLY B 248 8.79 -2.42 -12.28
CA GLY B 248 8.79 -3.60 -13.16
C GLY B 248 7.92 -3.42 -14.40
N ILE B 249 7.71 -4.51 -15.13
CA ILE B 249 6.93 -4.39 -16.38
C ILE B 249 5.42 -4.32 -16.11
N PHE B 250 4.96 -4.69 -14.92
CA PHE B 250 3.54 -4.48 -14.54
C PHE B 250 3.27 -3.16 -13.79
N GLN B 251 4.33 -2.44 -13.44
CA GLN B 251 4.19 -1.15 -12.72
C GLN B 251 3.40 -1.31 -11.44
N VAL B 252 3.76 -2.34 -10.66
CA VAL B 252 3.22 -2.47 -9.30
C VAL B 252 4.06 -1.54 -8.37
N GLU B 253 3.38 -0.61 -7.70
CA GLU B 253 4.03 0.32 -6.79
C GLU B 253 4.19 -0.22 -5.39
N SER B 254 5.04 0.42 -4.59
CA SER B 254 5.36 -0.18 -3.32
C SER B 254 4.16 -0.16 -2.37
N GLY B 255 3.27 0.84 -2.45
CA GLY B 255 2.15 0.86 -1.54
C GLY B 255 1.19 -0.35 -1.81
N ASN B 256 0.86 -0.61 -3.08
CA ASN B 256 0.03 -1.77 -3.43
C ASN B 256 0.72 -3.09 -3.02
N PHE B 257 2.02 -3.19 -3.26
CA PHE B 257 2.80 -4.35 -2.83
C PHE B 257 2.73 -4.55 -1.34
N ASN B 258 2.90 -3.48 -0.57
CA ASN B 258 2.78 -3.52 0.91
C ASN B 258 1.40 -4.08 1.34
N GLN B 259 0.39 -3.58 0.67
CA GLN B 259 -0.97 -3.99 0.97
C GLN B 259 -1.21 -5.48 0.69
N ILE B 260 -0.73 -5.99 -0.44
CA ILE B 260 -1.03 -7.40 -0.71
C ILE B 260 -0.21 -8.30 0.14
N LYS B 261 0.96 -7.81 0.62
CA LYS B 261 1.70 -8.56 1.61
C LYS B 261 0.88 -8.68 2.87
N ALA B 262 0.28 -7.56 3.29
CA ALA B 262 -0.52 -7.53 4.51
C ALA B 262 -1.73 -8.48 4.35
N TYR B 263 -2.32 -8.45 3.19
CA TYR B 263 -3.55 -9.28 2.99
C TYR B 263 -3.25 -10.77 2.85
N TYR B 264 -2.05 -11.11 2.36
CA TYR B 264 -1.75 -12.47 2.01
C TYR B 264 -0.53 -13.00 2.74
N PRO B 265 -0.63 -13.12 4.06
CA PRO B 265 0.53 -13.72 4.75
C PRO B 265 0.78 -15.16 4.31
N ASP B 266 -0.21 -15.87 3.75
CA ASP B 266 0.04 -17.22 3.28
C ASP B 266 0.85 -17.25 1.99
N ILE B 267 0.82 -16.17 1.22
CA ILE B 267 1.57 -16.14 -0.03
C ILE B 267 2.97 -15.48 0.11
N PHE B 268 3.05 -14.35 0.83
CA PHE B 268 4.31 -13.61 0.98
C PHE B 268 4.95 -13.79 2.35
N PRO B 269 6.22 -14.21 2.37
CA PRO B 269 6.97 -14.14 3.63
C PRO B 269 7.19 -12.66 4.08
N ASP B 270 7.42 -12.43 5.36
CA ASP B 270 7.66 -11.07 5.87
C ASP B 270 8.87 -10.39 5.21
N THR B 271 9.82 -11.18 4.68
CA THR B 271 11.01 -10.60 4.03
C THR B 271 10.73 -10.05 2.64
N ALA B 272 9.53 -10.27 2.08
CA ALA B 272 9.31 -9.92 0.68
C ALA B 272 9.49 -8.40 0.47
N ASP B 273 10.34 -8.07 -0.48
CA ASP B 273 10.76 -6.70 -0.77
C ASP B 273 10.27 -6.31 -2.16
N HIS B 274 9.65 -5.14 -2.27
CA HIS B 274 9.07 -4.65 -3.54
C HIS B 274 10.05 -4.72 -4.71
N ASP B 275 11.19 -4.05 -4.58
CA ASP B 275 12.10 -3.91 -5.76
C ASP B 275 12.62 -5.29 -6.07
N ASP B 276 12.91 -6.10 -5.06
CA ASP B 276 13.37 -7.45 -5.35
C ASP B 276 12.37 -8.32 -6.16
N TYR B 277 11.09 -8.21 -5.82
CA TYR B 277 10.06 -9.02 -6.54
C TYR B 277 9.68 -8.45 -7.88
N MET B 278 9.76 -7.12 -8.05
CA MET B 278 9.22 -6.52 -9.28
C MET B 278 10.26 -6.11 -10.30
N LYS B 279 11.45 -5.71 -9.83
CA LYS B 279 12.39 -5.03 -10.78
C LYS B 279 13.14 -6.07 -11.63
N VAL B 280 12.89 -6.07 -12.94
CA VAL B 280 13.53 -7.08 -13.78
C VAL B 280 14.81 -6.43 -14.37
N SER B 281 15.35 -7.06 -15.40
CA SER B 281 16.52 -6.55 -16.12
C SER B 281 16.64 -7.36 -17.37
N LEU B 282 17.63 -7.05 -18.22
CA LEU B 282 17.77 -7.79 -19.50
C LEU B 282 18.27 -9.22 -19.28
N ASP B 283 18.80 -9.45 -18.09
CA ASP B 283 19.26 -10.78 -17.72
C ASP B 283 18.03 -11.73 -17.51
N PRO B 284 17.93 -12.85 -18.24
CA PRO B 284 16.73 -13.71 -18.05
C PRO B 284 16.76 -14.45 -16.71
N ASN B 285 17.93 -14.52 -16.06
CA ASN B 285 18.00 -15.18 -14.77
C ASN B 285 17.63 -14.25 -13.63
N ASP B 286 17.25 -13.01 -13.92
CA ASP B 286 16.77 -12.14 -12.84
C ASP B 286 15.50 -12.81 -12.23
N THR B 287 15.45 -13.03 -10.92
CA THR B 287 14.35 -13.79 -10.34
C THR B 287 13.03 -13.04 -10.48
N ALA B 288 13.06 -11.71 -10.71
CA ALA B 288 11.80 -10.96 -10.82
C ALA B 288 11.05 -11.32 -12.13
N TRP B 289 11.73 -12.00 -13.07
CA TRP B 289 10.93 -12.46 -14.23
C TRP B 289 9.91 -13.54 -13.81
N ILE B 290 10.23 -14.26 -12.75
CA ILE B 290 9.32 -15.29 -12.23
C ILE B 290 8.36 -14.65 -11.21
N THR B 291 8.88 -13.92 -10.25
CA THR B 291 7.99 -13.38 -9.21
C THR B 291 7.03 -12.31 -9.71
N SER B 292 7.45 -11.43 -10.61
CA SER B 292 6.57 -10.28 -10.90
C SER B 292 5.23 -10.63 -11.59
N PRO B 293 5.20 -11.59 -12.52
CA PRO B 293 3.79 -11.91 -12.97
C PRO B 293 2.89 -12.52 -11.88
N ILE B 294 3.48 -13.26 -10.94
CA ILE B 294 2.71 -13.80 -9.85
C ILE B 294 2.25 -12.68 -8.91
N VAL B 295 3.11 -11.70 -8.65
CA VAL B 295 2.67 -10.53 -7.83
C VAL B 295 1.53 -9.80 -8.55
N ALA B 296 1.67 -9.57 -9.85
CA ALA B 296 0.62 -8.83 -10.56
C ALA B 296 -0.73 -9.62 -10.47
N ALA B 297 -0.63 -10.94 -10.61
CA ALA B 297 -1.81 -11.79 -10.52
C ALA B 297 -2.46 -11.71 -9.14
N VAL B 298 -1.67 -11.71 -8.09
CA VAL B 298 -2.21 -11.61 -6.77
C VAL B 298 -2.86 -10.23 -6.54
N SER B 299 -2.27 -9.19 -7.13
CA SER B 299 -2.82 -7.86 -7.00
C SER B 299 -4.20 -7.75 -7.70
N LEU B 300 -4.31 -8.34 -8.89
CA LEU B 300 -5.60 -8.38 -9.57
C LEU B 300 -6.63 -9.26 -8.80
N THR B 301 -6.16 -10.40 -8.32
CA THR B 301 -6.96 -11.28 -7.47
C THR B 301 -7.51 -10.55 -6.26
N MET B 302 -6.67 -9.74 -5.61
CA MET B 302 -7.14 -8.96 -4.47
C MET B 302 -8.34 -8.10 -4.83
N GLU B 303 -8.35 -7.49 -6.00
CA GLU B 303 -9.47 -6.65 -6.36
C GLU B 303 -10.77 -7.48 -6.46
N ARG B 304 -10.68 -8.59 -7.15
CA ARG B 304 -11.85 -9.49 -7.28
C ARG B 304 -12.30 -10.03 -5.92
N GLU B 305 -11.35 -10.53 -5.12
CA GLU B 305 -11.70 -10.95 -3.75
C GLU B 305 -12.36 -9.85 -2.95
N LEU B 306 -11.92 -8.61 -3.13
CA LEU B 306 -12.53 -7.51 -2.36
C LEU B 306 -13.98 -7.25 -2.80
N LEU B 307 -14.22 -7.23 -4.10
CA LEU B 307 -15.55 -7.04 -4.65
C LEU B 307 -16.49 -8.22 -4.18
N TYR B 308 -16.05 -9.47 -4.34
CA TYR B 308 -16.82 -10.60 -3.77
C TYR B 308 -17.06 -10.48 -2.28
N ALA B 309 -16.09 -10.02 -1.52
CA ALA B 309 -16.31 -9.92 -0.07
C ALA B 309 -17.37 -8.89 0.26
N ALA B 310 -17.44 -7.83 -0.53
CA ALA B 310 -18.33 -6.73 -0.21
C ALA B 310 -19.74 -7.02 -0.72
N VAL B 311 -19.87 -7.61 -1.89
CA VAL B 311 -21.21 -7.68 -2.49
C VAL B 311 -21.84 -9.09 -2.55
N GLY B 312 -21.08 -10.11 -2.15
CA GLY B 312 -21.53 -11.50 -2.17
C GLY B 312 -22.15 -11.97 -3.49
N ASP B 313 -23.40 -12.42 -3.41
CA ASP B 313 -24.04 -13.11 -4.54
C ASP B 313 -24.33 -12.17 -5.66
N LYS B 314 -24.45 -10.88 -5.38
CA LYS B 314 -24.60 -9.94 -6.46
C LYS B 314 -23.48 -10.04 -7.49
N TYR B 315 -22.31 -10.52 -7.07
CA TYR B 315 -21.17 -10.52 -8.03
C TYR B 315 -21.47 -11.48 -9.18
N ASN B 316 -21.80 -12.72 -8.82
CA ASN B 316 -22.15 -13.72 -9.86
C ASN B 316 -23.43 -13.33 -10.63
N GLU B 317 -24.35 -12.68 -9.95
CA GLU B 317 -25.55 -12.21 -10.64
C GLU B 317 -25.13 -11.20 -11.71
N PHE B 318 -24.25 -10.28 -11.35
CA PHE B 318 -23.72 -9.33 -12.32
C PHE B 318 -23.04 -10.02 -13.51
N LEU B 319 -22.18 -10.99 -13.23
CA LEU B 319 -21.55 -11.74 -14.29
C LEU B 319 -22.63 -12.32 -15.23
N ARG B 320 -23.72 -12.80 -14.63
CA ARG B 320 -24.78 -13.47 -15.41
C ARG B 320 -25.53 -12.46 -16.25
N LEU B 321 -25.89 -11.33 -15.67
CA LEU B 321 -26.76 -10.41 -16.42
C LEU B 321 -26.10 -9.39 -17.33
N ALA B 322 -24.84 -8.99 -17.07
CA ALA B 322 -24.32 -7.82 -17.79
C ALA B 322 -24.34 -8.00 -19.29
N LYS B 323 -24.71 -6.94 -19.99
CA LYS B 323 -24.77 -6.96 -21.43
C LYS B 323 -23.38 -6.98 -22.07
N ASP B 324 -22.37 -6.44 -21.40
CA ASP B 324 -21.00 -6.39 -21.94
C ASP B 324 -20.26 -7.67 -21.52
N PRO B 325 -19.94 -8.53 -22.49
CA PRO B 325 -19.26 -9.77 -22.11
C PRO B 325 -17.85 -9.50 -21.51
N TRP B 326 -17.34 -8.27 -21.64
CA TRP B 326 -16.00 -7.98 -21.07
C TRP B 326 -16.10 -7.12 -19.81
N ALA B 327 -17.34 -6.94 -19.32
CA ALA B 327 -17.57 -6.12 -18.11
C ALA B 327 -16.60 -6.41 -16.91
N GLU B 328 -16.47 -7.66 -16.46
CA GLU B 328 -15.69 -7.97 -15.29
C GLU B 328 -14.21 -7.57 -15.54
N THR B 329 -13.74 -7.90 -16.74
CA THR B 329 -12.32 -7.56 -17.10
C THR B 329 -12.07 -6.04 -17.11
N GLU B 330 -13.03 -5.30 -17.65
CA GLU B 330 -12.96 -3.83 -17.66
C GLU B 330 -12.91 -3.28 -16.24
N ILE B 331 -13.71 -3.84 -15.35
CA ILE B 331 -13.77 -3.40 -13.95
C ILE B 331 -12.43 -3.72 -13.23
N ILE B 332 -11.95 -4.94 -13.38
CA ILE B 332 -10.70 -5.34 -12.71
C ILE B 332 -9.52 -4.50 -13.30
N ASP B 333 -9.47 -4.33 -14.61
CA ASP B 333 -8.37 -3.58 -15.18
C ASP B 333 -8.42 -2.11 -14.78
N PHE B 334 -9.62 -1.53 -14.76
CA PHE B 334 -9.79 -0.17 -14.29
C PHE B 334 -9.31 -0.02 -12.85
N GLY B 335 -9.63 -0.99 -12.00
CA GLY B 335 -9.22 -0.96 -10.60
C GLY B 335 -7.72 -1.11 -10.48
N TYR B 336 -7.13 -1.80 -11.44
CA TYR B 336 -5.66 -2.04 -11.38
C TYR B 336 -4.97 -0.69 -11.61
N ASN B 337 -5.48 0.07 -12.55
CA ASN B 337 -4.84 1.33 -12.95
C ASN B 337 -5.26 2.49 -12.00
N ARG B 338 -6.55 2.57 -11.63
CA ARG B 338 -7.04 3.69 -10.83
C ARG B 338 -7.32 3.38 -9.39
N GLY B 339 -7.25 2.11 -9.00
CA GLY B 339 -7.35 1.72 -7.60
C GLY B 339 -8.77 1.19 -7.23
N VAL B 340 -8.90 0.48 -6.12
CA VAL B 340 -10.24 -0.07 -5.76
C VAL B 340 -11.16 1.03 -5.23
N GLY B 341 -10.61 2.16 -4.81
CA GLY B 341 -11.41 3.31 -4.41
C GLY B 341 -12.16 3.81 -5.61
N ALA B 342 -11.45 3.84 -6.75
CA ALA B 342 -12.04 4.35 -7.96
C ALA B 342 -13.17 3.39 -8.43
N ILE B 343 -12.95 2.07 -8.29
CA ILE B 343 -14.06 1.11 -8.61
C ILE B 343 -15.25 1.43 -7.70
N GLU B 344 -14.97 1.62 -6.41
CA GLU B 344 -16.07 1.78 -5.45
C GLU B 344 -16.90 3.04 -5.79
N ALA B 345 -16.25 4.08 -6.25
CA ALA B 345 -16.93 5.34 -6.52
C ALA B 345 -17.96 5.19 -7.66
N LEU B 346 -17.74 4.19 -8.54
CA LEU B 346 -18.64 3.95 -9.69
C LEU B 346 -20.06 3.48 -9.25
N LYS B 347 -20.15 2.83 -8.09
CA LYS B 347 -21.41 2.24 -7.55
C LYS B 347 -22.08 1.27 -8.55
N ILE B 348 -21.27 0.46 -9.24
CA ILE B 348 -21.80 -0.52 -10.20
C ILE B 348 -22.70 -1.49 -9.49
N PHE B 349 -22.36 -1.79 -8.25
CA PHE B 349 -23.05 -2.87 -7.57
C PHE B 349 -24.18 -2.41 -6.64
N SER B 350 -24.54 -1.13 -6.73
CA SER B 350 -25.58 -0.59 -5.84
C SER B 350 -26.31 0.47 -6.63
N ASP B 351 -25.96 1.73 -6.42
CA ASP B 351 -26.70 2.84 -7.02
C ASP B 351 -26.86 2.74 -8.51
N ASN B 352 -25.84 2.27 -9.23
CA ASN B 352 -25.89 2.31 -10.69
C ASN B 352 -25.99 0.93 -11.33
N TRP B 353 -26.57 0.00 -10.60
CA TRP B 353 -26.70 -1.36 -11.03
C TRP B 353 -27.33 -1.55 -12.40
N GLU B 354 -28.52 -0.96 -12.62
CA GLU B 354 -29.23 -1.18 -13.88
C GLU B 354 -28.51 -0.59 -15.05
N LYS B 355 -28.05 0.65 -14.89
CA LYS B 355 -27.20 1.26 -15.88
C LYS B 355 -25.97 0.37 -16.21
N ALA B 356 -25.43 -0.30 -15.20
CA ALA B 356 -24.23 -1.15 -15.46
C ALA B 356 -24.59 -2.43 -16.20
N ILE B 357 -25.63 -3.14 -15.77
CA ILE B 357 -25.93 -4.39 -16.46
C ILE B 357 -26.50 -4.13 -17.88
N ASN B 358 -27.03 -2.94 -18.14
CA ASN B 358 -27.57 -2.66 -19.48
C ASN B 358 -26.60 -1.98 -20.43
N ALA B 359 -25.38 -1.68 -20.00
CA ALA B 359 -24.41 -1.04 -20.89
C ALA B 359 -23.89 -2.02 -21.92
N GLU B 360 -23.92 -1.63 -23.18
CA GLU B 360 -23.31 -2.44 -24.22
C GLU B 360 -21.76 -2.43 -24.04
N VAL B 361 -21.21 -1.25 -23.78
CA VAL B 361 -19.77 -1.17 -23.46
C VAL B 361 -19.67 -0.46 -22.11
N LEU B 362 -19.43 -1.22 -21.06
CA LEU B 362 -19.45 -0.67 -19.71
C LEU B 362 -18.52 0.53 -19.54
N TRP B 363 -17.29 0.40 -20.04
CA TRP B 363 -16.27 1.37 -19.68
C TRP B 363 -16.61 2.69 -20.34
N LYS B 364 -17.26 2.65 -21.49
CA LYS B 364 -17.66 3.90 -22.14
C LYS B 364 -18.80 4.60 -21.36
N GLU B 365 -19.74 3.80 -20.93
CA GLU B 365 -20.88 4.31 -20.21
C GLU B 365 -20.49 4.96 -18.89
N PHE B 366 -19.52 4.35 -18.20
CA PHE B 366 -19.09 4.81 -16.89
C PHE B 366 -17.82 5.64 -16.89
N ASN B 367 -17.27 5.92 -18.06
CA ASN B 367 -16.03 6.66 -18.13
C ASN B 367 -14.91 6.05 -17.29
N MET B 368 -14.70 4.76 -17.48
CA MET B 368 -13.66 4.01 -16.80
C MET B 368 -12.51 3.68 -17.74
N GLU B 369 -12.09 4.65 -18.52
CA GLU B 369 -10.98 4.44 -19.42
C GLU B 369 -9.67 4.14 -18.69
N GLY B 370 -9.43 4.82 -17.58
CA GLY B 370 -8.16 4.77 -16.90
C GLY B 370 -7.24 5.76 -17.58
N PHE B 371 -6.00 5.90 -17.12
CA PHE B 371 -5.08 6.83 -17.78
C PHE B 371 -4.53 6.22 -19.06
N GLY B 372 -4.38 7.03 -20.11
CA GLY B 372 -3.73 6.59 -21.32
C GLY B 372 -4.48 5.50 -22.05
N GLY B 373 -5.81 5.49 -21.98
CA GLY B 373 -6.54 4.46 -22.68
C GLY B 373 -6.30 3.07 -22.11
N HIS B 374 -6.05 3.00 -20.81
CA HIS B 374 -5.63 1.74 -20.17
C HIS B 374 -6.62 0.60 -20.48
N VAL B 375 -7.89 0.81 -20.13
CA VAL B 375 -8.90 -0.22 -20.22
C VAL B 375 -9.13 -0.66 -21.69
N PRO B 376 -9.44 0.27 -22.61
CA PRO B 376 -9.61 -0.27 -23.98
C PRO B 376 -8.32 -0.93 -24.52
N THR B 377 -7.13 -0.44 -24.18
CA THR B 377 -5.92 -1.07 -24.70
C THR B 377 -5.80 -2.52 -24.21
N VAL B 378 -5.95 -2.69 -22.91
CA VAL B 378 -5.72 -4.03 -22.32
C VAL B 378 -6.78 -5.03 -22.83
N ILE B 379 -8.01 -4.55 -22.94
CA ILE B 379 -9.09 -5.44 -23.35
C ILE B 379 -8.89 -5.82 -24.84
N ASN B 380 -8.53 -4.85 -25.65
CA ASN B 380 -8.32 -5.11 -27.08
C ASN B 380 -7.16 -6.07 -27.28
N ILE B 381 -6.04 -5.85 -26.59
CA ILE B 381 -4.91 -6.76 -26.81
C ILE B 381 -5.26 -8.16 -26.30
N THR B 382 -5.95 -8.23 -25.16
CA THR B 382 -6.28 -9.53 -24.60
C THR B 382 -7.17 -10.30 -25.57
N ALA B 383 -8.15 -9.61 -26.15
CA ALA B 383 -9.04 -10.23 -27.11
C ALA B 383 -8.31 -10.68 -28.37
N THR B 384 -7.41 -9.84 -28.86
CA THR B 384 -6.68 -10.15 -30.07
C THR B 384 -5.81 -11.37 -29.89
N MET B 385 -5.15 -11.44 -28.74
CA MET B 385 -4.32 -12.58 -28.39
C MET B 385 -5.16 -13.83 -28.26
N ASP B 386 -6.36 -13.69 -27.71
CA ASP B 386 -7.23 -14.82 -27.48
C ASP B 386 -7.57 -15.47 -28.81
N MET B 387 -7.77 -14.65 -29.82
CA MET B 387 -8.14 -15.09 -31.17
C MET B 387 -7.02 -15.74 -31.97
N GLU B 388 -5.77 -15.58 -31.52
CA GLU B 388 -4.61 -16.01 -32.29
C GLU B 388 -4.52 -17.54 -32.35
N THR B 389 -4.30 -18.10 -33.54
CA THR B 389 -4.23 -19.54 -33.65
C THR B 389 -2.93 -19.95 -34.35
N GLU B 390 -2.33 -19.03 -35.08
CA GLU B 390 -1.19 -19.35 -35.93
C GLU B 390 0.16 -19.29 -35.23
N ARG B 391 0.35 -18.34 -34.31
CA ARG B 391 1.67 -18.19 -33.68
C ARG B 391 1.49 -18.25 -32.18
N ILE B 392 1.79 -19.41 -31.59
CA ILE B 392 1.52 -19.71 -30.19
C ILE B 392 2.86 -19.93 -29.48
N TYR B 393 3.05 -19.29 -28.34
CA TYR B 393 4.32 -19.42 -27.65
C TYR B 393 4.61 -20.87 -27.27
N ASP B 394 5.88 -21.26 -27.42
CA ASP B 394 6.34 -22.54 -26.93
C ASP B 394 7.86 -22.40 -26.62
N ALA B 395 8.40 -23.29 -25.80
CA ALA B 395 9.80 -23.22 -25.49
C ALA B 395 10.21 -24.60 -24.98
N ASN B 396 11.48 -24.96 -25.18
CA ASN B 396 12.08 -26.11 -24.51
C ASN B 396 12.45 -25.82 -23.10
N LEU B 397 11.99 -26.64 -22.17
CA LEU B 397 12.42 -26.53 -20.80
C LEU B 397 13.26 -27.74 -20.45
N THR B 398 14.44 -27.51 -19.88
CA THR B 398 15.30 -28.58 -19.39
C THR B 398 15.04 -28.84 -17.95
N TRP B 399 15.63 -29.91 -17.39
CA TRP B 399 15.47 -30.10 -15.97
C TRP B 399 16.06 -28.94 -15.12
N ASP B 400 17.22 -28.43 -15.53
CA ASP B 400 17.81 -27.27 -14.87
C ASP B 400 16.77 -26.10 -14.80
N ASP B 401 16.07 -25.89 -15.89
CA ASP B 401 15.03 -24.84 -15.96
C ASP B 401 13.95 -25.05 -14.89
N ILE B 402 13.50 -26.31 -14.76
CA ILE B 402 12.40 -26.65 -13.86
C ILE B 402 12.87 -26.52 -12.43
N GLU B 403 14.09 -27.00 -12.18
CA GLU B 403 14.64 -26.91 -10.83
C GLU B 403 14.84 -25.47 -10.37
N TYR B 404 15.31 -24.68 -11.31
CA TYR B 404 15.55 -23.28 -11.00
C TYR B 404 14.18 -22.61 -10.66
N PHE B 405 13.20 -22.84 -11.52
CA PHE B 405 11.85 -22.28 -11.31
C PHE B 405 11.33 -22.57 -9.91
N PHE B 406 11.39 -23.84 -9.49
CA PHE B 406 10.88 -24.22 -8.19
C PHE B 406 11.76 -23.73 -7.03
N THR B 407 13.05 -23.61 -7.28
CA THR B 407 13.94 -23.01 -6.29
C THR B 407 13.53 -21.52 -6.01
N VAL B 408 13.20 -20.78 -7.06
CA VAL B 408 12.74 -19.39 -6.87
C VAL B 408 11.39 -19.37 -6.16
N VAL B 409 10.50 -20.28 -6.53
CA VAL B 409 9.19 -20.30 -5.91
C VAL B 409 9.35 -20.54 -4.41
N ARG B 410 10.24 -21.46 -4.07
CA ARG B 410 10.50 -21.81 -2.68
C ARG B 410 11.09 -20.65 -1.89
N GLN B 411 12.00 -19.93 -2.52
CA GLN B 411 12.63 -18.76 -1.88
C GLN B 411 11.67 -17.61 -1.72
N LYS B 412 10.75 -17.43 -2.69
CA LYS B 412 9.99 -16.16 -2.71
C LYS B 412 8.54 -16.23 -2.21
N PHE B 413 7.95 -17.42 -2.20
CA PHE B 413 6.51 -17.54 -1.86
C PHE B 413 6.35 -18.55 -0.75
N PHE B 414 5.19 -18.56 -0.09
CA PHE B 414 4.91 -19.32 1.12
C PHE B 414 5.75 -18.85 2.28
N ARG B 415 5.32 -19.17 3.49
CA ARG B 415 6.16 -18.85 4.62
C ARG B 415 6.44 -20.12 5.39
N PRO B 416 7.42 -20.09 6.32
CA PRO B 416 7.76 -21.37 6.95
C PRO B 416 6.62 -21.97 7.73
N GLY B 417 6.44 -23.27 7.54
CA GLY B 417 5.38 -23.99 8.20
C GLY B 417 4.33 -24.39 7.21
N ALA B 418 4.37 -23.86 5.99
CA ALA B 418 3.35 -24.24 5.03
C ALA B 418 3.69 -25.58 4.39
N ILE B 419 4.97 -25.79 4.09
CA ILE B 419 5.42 -27.00 3.40
C ILE B 419 6.77 -27.36 4.00
N SER B 420 6.86 -28.53 4.65
CA SER B 420 8.11 -28.96 5.29
C SER B 420 9.20 -29.22 4.26
N ASP B 421 10.46 -29.21 4.71
CA ASP B 421 11.54 -29.67 3.86
C ASP B 421 11.28 -31.06 3.29
N GLU B 422 10.73 -31.97 4.09
CA GLU B 422 10.54 -33.31 3.55
C GLU B 422 9.37 -33.33 2.57
N GLU B 423 8.34 -32.51 2.79
CA GLU B 423 7.23 -32.38 1.83
C GLU B 423 7.73 -31.81 0.50
N TRP B 424 8.57 -30.79 0.61
CA TRP B 424 9.15 -30.16 -0.57
C TRP B 424 10.02 -31.16 -1.34
N ASN B 425 10.88 -31.89 -0.63
CA ASN B 425 11.73 -32.88 -1.30
C ASN B 425 10.90 -34.00 -1.94
N ALA B 426 9.85 -34.45 -1.27
CA ALA B 426 8.95 -35.42 -1.87
C ALA B 426 8.28 -34.86 -3.14
N MET B 427 7.87 -33.59 -3.07
CA MET B 427 7.33 -32.91 -4.23
C MET B 427 8.32 -32.87 -5.39
N MET B 428 9.56 -32.48 -5.12
CA MET B 428 10.50 -32.35 -6.23
C MET B 428 10.82 -33.74 -6.90
N ARG B 429 10.76 -34.82 -6.11
CA ARG B 429 10.89 -36.19 -6.69
C ARG B 429 9.76 -36.45 -7.66
N ASP B 430 8.53 -36.09 -7.28
CA ASP B 430 7.44 -36.31 -8.22
C ASP B 430 7.60 -35.47 -9.48
N VAL B 431 8.06 -34.22 -9.29
CA VAL B 431 8.22 -33.29 -10.42
C VAL B 431 9.31 -33.77 -11.38
N LYS B 432 10.43 -34.22 -10.80
CA LYS B 432 11.51 -34.82 -11.57
C LYS B 432 11.00 -36.04 -12.38
N ARG B 433 10.21 -36.89 -11.73
CA ARG B 433 9.75 -38.09 -12.41
C ARG B 433 8.81 -37.73 -13.54
N ALA B 434 7.90 -36.79 -13.27
CA ALA B 434 7.01 -36.31 -14.33
C ALA B 434 7.79 -35.66 -15.48
N TYR B 435 8.82 -34.86 -15.15
CA TYR B 435 9.66 -34.26 -16.20
C TYR B 435 10.24 -35.39 -17.09
N ASP B 436 10.83 -36.38 -16.45
CA ASP B 436 11.46 -37.49 -17.22
C ASP B 436 10.43 -38.23 -18.04
N LEU B 437 9.28 -38.53 -17.44
CA LEU B 437 8.21 -39.21 -18.18
C LEU B 437 7.76 -38.39 -19.38
N LEU B 438 7.53 -37.09 -19.16
CA LEU B 438 7.01 -36.24 -20.24
C LEU B 438 8.10 -35.94 -21.30
N SER B 439 9.36 -35.96 -20.91
CA SER B 439 10.43 -35.70 -21.90
C SER B 439 10.57 -36.77 -22.98
N GLN B 440 10.09 -37.98 -22.70
CA GLN B 440 10.23 -39.14 -23.65
C GLN B 440 9.68 -38.81 -24.98
N HIS B 441 8.53 -38.14 -24.99
CA HIS B 441 7.83 -37.83 -26.23
C HIS B 441 8.73 -37.01 -27.14
N TRP B 442 9.57 -36.19 -26.54
CA TRP B 442 10.40 -35.25 -27.31
C TRP B 442 11.80 -35.81 -27.61
N GLY B 443 12.09 -37.04 -27.20
CA GLY B 443 13.42 -37.56 -27.44
C GLY B 443 14.27 -37.52 -26.21
N GLY B 444 13.67 -37.07 -25.10
CA GLY B 444 14.29 -37.16 -23.79
C GLY B 444 15.14 -35.97 -23.33
N ASP B 445 15.28 -34.94 -24.14
CA ASP B 445 16.22 -33.86 -23.78
C ASP B 445 15.55 -32.64 -23.12
N HIS B 446 14.23 -32.59 -23.22
CA HIS B 446 13.49 -31.46 -22.67
C HIS B 446 12.00 -31.79 -22.62
N ILE B 447 11.22 -30.99 -21.89
CA ILE B 447 9.78 -30.95 -22.11
C ILE B 447 9.35 -29.64 -22.79
N SER B 448 8.07 -29.56 -23.13
CA SER B 448 7.50 -28.43 -23.84
C SER B 448 6.70 -27.54 -22.86
N TYR B 449 6.94 -26.23 -22.95
CA TYR B 449 6.18 -25.28 -22.12
C TYR B 449 4.70 -25.41 -22.50
N ARG B 450 4.40 -25.26 -23.77
CA ARG B 450 3.03 -25.28 -24.23
C ARG B 450 2.28 -26.59 -23.83
N TYR B 451 2.91 -27.74 -24.03
CA TYR B 451 2.21 -29.02 -23.91
C TYR B 451 2.37 -29.62 -22.54
N ASP B 452 3.50 -29.37 -21.88
CA ASP B 452 3.80 -30.11 -20.65
C ASP B 452 3.81 -29.33 -19.37
N PHE B 453 4.07 -28.02 -19.42
CA PHE B 453 4.32 -27.35 -18.14
C PHE B 453 3.08 -27.30 -17.21
N LEU B 454 1.86 -27.21 -17.75
CA LEU B 454 0.72 -27.23 -16.80
C LEU B 454 0.68 -28.55 -16.02
N THR B 455 1.05 -29.64 -16.69
CA THR B 455 1.02 -30.93 -16.01
C THR B 455 2.08 -30.99 -14.94
N ILE B 456 3.27 -30.48 -15.27
CA ILE B 456 4.29 -30.31 -14.24
C ILE B 456 3.80 -29.51 -13.04
N LEU B 457 3.20 -28.35 -13.30
CA LEU B 457 2.67 -27.57 -12.15
C LEU B 457 1.63 -28.38 -11.33
N ARG B 458 0.74 -29.11 -12.02
CA ARG B 458 -0.30 -29.86 -11.26
C ARG B 458 0.32 -30.92 -10.36
N VAL B 459 1.34 -31.60 -10.88
CA VAL B 459 2.14 -32.55 -10.08
C VAL B 459 2.74 -31.90 -8.87
N ALA B 460 3.38 -30.75 -9.05
CA ALA B 460 3.87 -30.07 -7.86
C ALA B 460 2.72 -29.70 -6.90
N MET B 461 1.62 -29.19 -7.46
CA MET B 461 0.58 -28.64 -6.58
C MET B 461 -0.20 -29.72 -5.82
N LYS B 462 -0.16 -30.97 -6.26
CA LYS B 462 -0.69 -32.08 -5.44
C LYS B 462 -0.08 -32.07 -4.04
N HIS B 463 1.14 -31.53 -3.92
CA HIS B 463 1.87 -31.45 -2.64
C HIS B 463 1.73 -30.14 -1.87
N TRP B 464 0.96 -29.22 -2.43
CA TRP B 464 0.78 -27.91 -1.83
C TRP B 464 -0.41 -27.95 -0.89
N PRO B 465 -0.42 -27.09 0.13
CA PRO B 465 -1.53 -26.96 1.05
C PRO B 465 -2.86 -26.73 0.35
N GLU B 466 -3.93 -27.31 0.91
CA GLU B 466 -5.25 -27.16 0.38
C GLU B 466 -6.06 -26.33 1.34
N PRO B 467 -6.98 -25.49 0.84
CA PRO B 467 -7.27 -25.12 -0.55
C PRO B 467 -6.07 -24.31 -1.10
N HIS B 468 -5.81 -24.40 -2.40
CA HIS B 468 -4.58 -23.82 -2.91
C HIS B 468 -4.60 -22.28 -2.88
N ILE B 469 -5.77 -21.67 -3.06
CA ILE B 469 -5.94 -20.22 -2.90
C ILE B 469 -6.36 -19.85 -1.50
N PRO B 470 -5.50 -19.13 -0.77
CA PRO B 470 -5.81 -18.82 0.61
C PRO B 470 -6.76 -17.65 0.66
N ARG B 471 -7.46 -17.49 1.78
CA ARG B 471 -8.24 -16.28 1.99
C ARG B 471 -7.31 -15.06 2.28
N PRO B 472 -7.66 -13.90 1.72
CA PRO B 472 -7.09 -12.63 2.22
C PRO B 472 -7.51 -12.45 3.68
N THR B 473 -6.62 -11.94 4.51
CA THR B 473 -6.94 -11.87 5.93
C THR B 473 -6.09 -10.84 6.66
N GLY B 474 -6.27 -10.74 7.99
CA GLY B 474 -5.50 -9.82 8.82
C GLY B 474 -6.23 -8.51 9.06
N ASP B 475 -5.61 -7.64 9.85
CA ASP B 475 -6.29 -6.47 10.34
C ASP B 475 -6.71 -5.52 9.26
N ASP B 476 -5.75 -5.19 8.37
CA ASP B 476 -6.05 -4.22 7.32
C ASP B 476 -7.20 -4.74 6.41
N TRP B 477 -7.10 -6.00 6.02
CA TRP B 477 -8.22 -6.58 5.23
C TRP B 477 -9.56 -6.40 5.93
N TYR B 478 -9.53 -6.62 7.23
CA TYR B 478 -10.79 -6.58 7.99
C TYR B 478 -11.50 -5.21 7.88
N TYR B 479 -10.78 -4.15 8.24
CA TYR B 479 -11.36 -2.81 8.18
C TYR B 479 -11.69 -2.42 6.78
N HIS B 480 -10.82 -2.78 5.85
CA HIS B 480 -11.05 -2.34 4.49
C HIS B 480 -12.28 -3.00 3.86
N ALA B 481 -12.33 -4.34 3.93
CA ALA B 481 -13.41 -5.08 3.26
C ALA B 481 -14.74 -4.87 3.99
N ARG B 482 -14.70 -4.65 5.30
CA ARG B 482 -15.98 -4.40 6.00
C ARG B 482 -16.56 -3.06 5.59
N ASN B 483 -15.70 -2.11 5.23
CA ASN B 483 -16.18 -0.76 4.91
C ASN B 483 -16.35 -0.46 3.42
N TYR B 484 -16.21 -1.49 2.58
CA TYR B 484 -16.11 -1.30 1.14
C TYR B 484 -17.52 -1.39 0.55
N ASN B 485 -17.98 -0.33 -0.11
CA ASN B 485 -19.36 -0.37 -0.64
C ASN B 485 -19.47 0.04 -2.08
N PRO B 486 -19.24 -0.93 -2.98
CA PRO B 486 -19.11 -0.63 -4.40
C PRO B 486 -20.46 -0.71 -5.11
#